data_9IR8
#
_entry.id   9IR8
#
_cell.length_a   112.102
_cell.length_b   127.579
_cell.length_c   111.908
_cell.angle_alpha   90.00
_cell.angle_beta   90.00
_cell.angle_gamma   90.00
#
_symmetry.space_group_name_H-M   'P 21 21 2'
#
loop_
_entity.id
_entity.type
_entity.pdbx_description
1 polymer '3C-like protease'
2 non-polymer (2~{S})-~{N}-[(2~{S})-1-azanylidene-3-[(3~{S})-2-oxidanylidenepyrrolidin-3-yl]propan-2-yl]-2-[[(2~{S})-3,3-dimethyl-2-(methylsulfonylamino)butanoyl]amino]-4-methyl-pentanamide
3 water water
#
_entity_poly.entity_id   1
_entity_poly.type   'polypeptide(L)'
_entity_poly.pdbx_seq_one_letter_code
;SGLRKMAQPSGLVEPCIVRVSYGNNVLNGLWLGDEVICPRHVIASDTTRVINYENEMSSVRLHNFSVSKNNVFLGVVSAK
YKGVNLVLKVNQVNPNTPEHKFKSIKAGESFNILACYEGCPGSVYGVNMRSQGTIKGSFIAGTCGSVGYVSENATLYFVY
MHHLELGNGSHVGSNLEGEMYGGYEDQPSMQLEGTNVMSSDNVVAFLYAALINGERWFVTNTSMSLESYNTWAKTNSFTE
LSSTDAFSMLAAKTGQSVEKLLDSIVRLNKGFGGRTILSYGSLCDEFTPTEVIRQMYGVNLQ
;
_entity_poly.pdbx_strand_id   A,B,C,D
#
loop_
_chem_comp.id
_chem_comp.type
_chem_comp.name
_chem_comp.formula
A1D7M peptide-like (2~{S})-~{N}-[(2~{S})-1-azanylidene-3-[(3~{S})-2-oxidanylidenepyrrolidin-3-yl]propan-2-yl]-2-[[(2~{S})-3,3-dimethyl-2-(methylsulfonylamino)butanoyl]amino]-4-methyl-pentanamide 'C20 H37 N5 O5 S'
#
# COMPACT_ATOMS: atom_id res chain seq x y z
N SER A 1 -43.60 35.22 15.41
CA SER A 1 -43.10 34.40 16.51
C SER A 1 -41.59 34.55 16.63
N GLY A 2 -40.88 34.44 15.51
CA GLY A 2 -39.46 34.74 15.47
C GLY A 2 -38.52 33.57 15.27
N LEU A 3 -37.33 33.86 14.74
CA LEU A 3 -36.24 32.90 14.62
C LEU A 3 -34.96 33.56 15.08
N ARG A 4 -34.24 32.90 15.97
CA ARG A 4 -32.98 33.41 16.50
C ARG A 4 -32.01 32.25 16.70
N LYS A 5 -30.73 32.51 16.48
CA LYS A 5 -29.71 31.50 16.71
C LYS A 5 -29.58 31.26 18.21
N MET A 6 -29.85 30.03 18.64
CA MET A 6 -29.94 29.68 20.05
C MET A 6 -28.68 28.97 20.52
N ALA A 7 -28.51 28.97 21.84
CA ALA A 7 -27.50 28.18 22.52
C ALA A 7 -28.17 27.40 23.64
N GLN A 8 -27.80 26.12 23.77
CA GLN A 8 -28.32 25.33 24.86
C GLN A 8 -27.74 25.83 26.19
N PRO A 9 -28.49 25.66 27.29
CA PRO A 9 -28.05 26.25 28.57
C PRO A 9 -26.69 25.73 29.01
N SER A 10 -25.97 26.59 29.73
CA SER A 10 -24.56 26.36 30.01
C SER A 10 -24.28 26.02 31.47
N GLY A 11 -25.30 25.68 32.25
CA GLY A 11 -25.11 25.49 33.68
C GLY A 11 -24.17 24.36 34.03
N LEU A 12 -24.20 23.27 33.25
CA LEU A 12 -23.36 22.13 33.53
C LEU A 12 -21.91 22.34 33.11
N VAL A 13 -21.67 23.25 32.16
CA VAL A 13 -20.32 23.45 31.63
C VAL A 13 -19.55 24.52 32.40
N GLU A 14 -20.25 25.52 32.94
CA GLU A 14 -19.57 26.63 33.63
C GLU A 14 -18.63 26.18 34.74
N PRO A 15 -19.01 25.28 35.67
CA PRO A 15 -18.12 24.97 36.80
C PRO A 15 -16.84 24.23 36.43
N CYS A 16 -16.65 23.93 35.14
CA CYS A 16 -15.52 23.17 34.63
C CYS A 16 -14.50 24.05 33.91
N ILE A 17 -14.73 25.35 33.82
CA ILE A 17 -13.80 26.26 33.16
C ILE A 17 -12.80 26.77 34.17
N VAL A 18 -11.51 26.70 33.82
CA VAL A 18 -10.43 27.14 34.69
C VAL A 18 -9.48 28.01 33.89
N ARG A 19 -8.75 28.86 34.61
CA ARG A 19 -7.68 29.65 34.03
C ARG A 19 -6.39 28.84 34.02
N VAL A 20 -5.71 28.81 32.87
CA VAL A 20 -4.45 28.12 32.72
C VAL A 20 -3.44 29.08 32.11
N SER A 21 -2.25 29.14 32.70
CA SER A 21 -1.22 30.04 32.20
C SER A 21 0.15 29.42 32.40
N TYR A 22 1.03 29.65 31.42
CA TYR A 22 2.42 29.21 31.48
C TYR A 22 3.27 30.33 30.88
N GLY A 23 4.11 30.93 31.70
CA GLY A 23 4.89 32.07 31.23
C GLY A 23 3.96 33.25 30.96
N ASN A 24 4.05 33.79 29.76
CA ASN A 24 3.25 34.95 29.36
C ASN A 24 1.91 34.56 28.73
N ASN A 25 1.72 33.29 28.37
CA ASN A 25 0.48 32.85 27.75
C ASN A 25 -0.56 32.52 28.82
N VAL A 26 -1.80 32.95 28.58
CA VAL A 26 -2.93 32.66 29.45
C VAL A 26 -4.10 32.27 28.57
N LEU A 27 -4.77 31.16 28.91
CA LEU A 27 -5.96 30.74 28.19
C LEU A 27 -6.86 30.00 29.18
N ASN A 28 -7.74 29.14 28.65
CA ASN A 28 -8.69 28.40 29.47
C ASN A 28 -8.49 26.91 29.30
N GLY A 29 -8.93 26.15 30.31
CA GLY A 29 -8.89 24.71 30.26
C GLY A 29 -10.21 24.11 30.73
N LEU A 30 -10.40 22.84 30.40
CA LEU A 30 -11.62 22.11 30.77
C LEU A 30 -11.29 21.18 31.93
N TRP A 31 -11.82 21.49 33.11
CA TRP A 31 -11.53 20.76 34.34
C TRP A 31 -12.58 19.67 34.54
N LEU A 32 -12.20 18.42 34.26
CA LEU A 32 -13.07 17.27 34.44
C LEU A 32 -12.36 16.26 35.32
N GLY A 33 -12.99 15.88 36.43
CA GLY A 33 -12.34 14.98 37.37
C GLY A 33 -11.10 15.64 37.94
N ASP A 34 -9.99 14.90 37.91
CA ASP A 34 -8.69 15.43 38.31
C ASP A 34 -7.82 15.77 37.11
N GLU A 35 -8.43 16.02 35.94
CA GLU A 35 -7.72 16.33 34.72
C GLU A 35 -8.19 17.68 34.17
N VAL A 36 -7.26 18.41 33.58
CA VAL A 36 -7.55 19.68 32.92
C VAL A 36 -7.01 19.59 31.49
N ILE A 37 -7.89 19.80 30.51
CA ILE A 37 -7.52 19.76 29.10
C ILE A 37 -7.48 21.19 28.58
N CYS A 38 -6.39 21.54 27.93
CA CYS A 38 -6.18 22.88 27.41
C CYS A 38 -5.33 22.77 26.14
N PRO A 39 -5.26 23.84 25.35
CA PRO A 39 -4.42 23.78 24.14
C PRO A 39 -2.94 23.75 24.50
N ARG A 40 -2.20 22.92 23.77
CA ARG A 40 -0.79 22.71 24.08
C ARG A 40 0.10 23.90 23.74
N HIS A 41 -0.38 24.86 22.96
CA HIS A 41 0.44 26.02 22.63
C HIS A 41 0.53 27.04 23.77
N VAL A 42 0.05 26.69 24.96
CA VAL A 42 0.21 27.56 26.12
C VAL A 42 1.62 27.48 26.69
N ILE A 43 2.32 26.35 26.50
CA ILE A 43 3.71 26.24 26.96
C ILE A 43 4.71 26.73 25.94
N ALA A 44 4.27 27.04 24.72
CA ALA A 44 5.17 27.60 23.72
C ALA A 44 5.71 28.94 24.17
N SER A 45 7.02 29.13 23.99
CA SER A 45 7.65 30.36 24.47
C SER A 45 7.29 31.55 23.59
N ASP A 46 6.99 31.32 22.32
CA ASP A 46 6.62 32.40 21.40
C ASP A 46 5.60 31.84 20.42
N THR A 47 4.36 32.30 20.53
CA THR A 47 3.26 31.78 19.71
C THR A 47 3.13 32.48 18.36
N THR A 48 4.04 33.40 18.03
CA THR A 48 3.95 34.14 16.78
C THR A 48 4.86 33.59 15.69
N ARG A 49 5.79 32.70 16.02
CA ARG A 49 6.62 32.04 15.04
C ARG A 49 6.53 30.53 15.25
N VAL A 50 7.02 29.78 14.26
CA VAL A 50 6.86 28.32 14.25
C VAL A 50 7.42 27.74 15.55
N ILE A 51 6.68 26.81 16.14
CA ILE A 51 6.96 26.26 17.46
C ILE A 51 7.41 24.81 17.31
N ASN A 52 8.54 24.48 17.92
CA ASN A 52 9.00 23.10 18.04
C ASN A 52 8.43 22.54 19.34
N TYR A 53 7.29 21.85 19.25
CA TYR A 53 6.63 21.33 20.43
C TYR A 53 7.45 20.23 21.12
N GLU A 54 8.39 19.62 20.41
CA GLU A 54 9.29 18.66 21.05
C GLU A 54 10.22 19.35 22.03
N ASN A 55 10.74 20.52 21.64
CA ASN A 55 11.60 21.28 22.55
C ASN A 55 10.81 21.85 23.72
N GLU A 56 9.61 22.40 23.44
CA GLU A 56 8.80 23.00 24.50
C GLU A 56 8.42 21.96 25.55
N MET A 57 8.17 20.72 25.12
CA MET A 57 7.92 19.65 26.07
C MET A 57 9.18 19.29 26.85
N SER A 58 10.35 19.43 26.22
CA SER A 58 11.60 19.08 26.88
C SER A 58 11.95 20.07 27.99
N SER A 59 11.48 21.31 27.88
CA SER A 59 11.88 22.38 28.80
C SER A 59 10.74 22.81 29.73
N VAL A 60 9.63 22.09 29.75
CA VAL A 60 8.50 22.48 30.59
C VAL A 60 8.80 22.10 32.03
N ARG A 61 8.46 23.00 32.95
CA ARG A 61 8.54 22.75 34.38
C ARG A 61 7.15 22.84 34.98
N LEU A 62 6.75 21.80 35.71
CA LEU A 62 5.37 21.73 36.21
C LEU A 62 5.04 22.88 37.14
N HIS A 63 6.03 23.43 37.84
CA HIS A 63 5.77 24.52 38.77
C HIS A 63 5.49 25.85 38.08
N ASN A 64 5.81 25.97 36.78
CA ASN A 64 5.49 27.18 36.05
C ASN A 64 4.03 27.26 35.63
N PHE A 65 3.29 26.15 35.73
CA PHE A 65 1.88 26.17 35.40
C PHE A 65 1.09 26.92 36.46
N SER A 66 -0.02 27.53 36.02
CA SER A 66 -0.91 28.27 36.92
C SER A 66 -2.35 27.92 36.54
N VAL A 67 -2.89 26.92 37.22
CA VAL A 67 -4.26 26.46 37.00
C VAL A 67 -5.10 26.89 38.19
N SER A 68 -6.26 27.49 37.91
CA SER A 68 -7.10 28.01 38.98
C SER A 68 -8.52 28.18 38.47
N LYS A 69 -9.47 28.04 39.39
CA LYS A 69 -10.88 28.35 39.14
C LYS A 69 -11.34 29.34 40.20
N ASN A 70 -11.81 30.51 39.77
CA ASN A 70 -12.28 31.57 40.67
C ASN A 70 -11.17 32.00 41.62
N ASN A 71 -9.95 32.12 41.09
CA ASN A 71 -8.77 32.63 41.78
C ASN A 71 -8.29 31.73 42.92
N VAL A 72 -8.76 30.50 43.00
CA VAL A 72 -8.18 29.50 43.90
C VAL A 72 -7.46 28.46 43.03
N PHE A 73 -6.25 28.10 43.43
CA PHE A 73 -5.36 27.38 42.54
C PHE A 73 -5.62 25.87 42.60
N LEU A 74 -5.13 25.19 41.57
CA LEU A 74 -5.08 23.73 41.52
C LEU A 74 -3.66 23.32 41.16
N GLY A 75 -3.08 22.43 41.97
CA GLY A 75 -1.71 22.02 41.78
C GLY A 75 -1.50 21.03 40.66
N VAL A 76 -0.65 21.38 39.69
CA VAL A 76 -0.37 20.50 38.56
C VAL A 76 0.68 19.49 38.97
N VAL A 77 0.36 18.20 38.80
CA VAL A 77 1.27 17.12 39.15
C VAL A 77 1.69 16.29 37.94
N SER A 78 1.16 16.58 36.76
CA SER A 78 1.57 15.88 35.54
C SER A 78 1.10 16.61 34.29
N ALA A 79 1.99 16.80 33.33
CA ALA A 79 1.66 17.40 32.04
C ALA A 79 2.01 16.44 30.91
N LYS A 80 1.16 16.40 29.89
CA LYS A 80 1.34 15.45 28.80
C LYS A 80 0.61 15.95 27.56
N TYR A 81 1.21 15.73 26.40
CA TYR A 81 0.54 15.99 25.13
C TYR A 81 -0.43 14.88 24.81
N LYS A 82 -1.60 15.25 24.27
CA LYS A 82 -2.48 14.30 23.59
C LYS A 82 -2.98 15.00 22.33
N GLY A 83 -2.37 14.70 21.20
CA GLY A 83 -2.65 15.45 20.00
C GLY A 83 -2.17 16.87 20.15
N VAL A 84 -3.06 17.83 19.86
CA VAL A 84 -2.72 19.24 19.98
C VAL A 84 -3.11 19.75 21.35
N ASN A 85 -3.54 18.85 22.23
CA ASN A 85 -4.06 19.20 23.54
C ASN A 85 -3.05 18.86 24.63
N LEU A 86 -2.95 19.75 25.62
CA LEU A 86 -2.23 19.47 26.85
C LEU A 86 -3.21 18.87 27.86
N VAL A 87 -2.84 17.74 28.45
CA VAL A 87 -3.65 17.08 29.46
C VAL A 87 -2.91 17.19 30.78
N LEU A 88 -3.46 17.98 31.71
CA LEU A 88 -2.84 18.27 32.98
C LEU A 88 -3.61 17.57 34.11
N LYS A 89 -2.92 16.72 34.86
CA LYS A 89 -3.50 16.17 36.08
C LYS A 89 -3.29 17.16 37.22
N VAL A 90 -4.36 17.44 37.97
CA VAL A 90 -4.32 18.43 39.04
C VAL A 90 -4.54 17.73 40.36
N ASN A 91 -4.18 18.43 41.44
CA ASN A 91 -4.22 17.90 42.80
C ASN A 91 -5.60 17.99 43.43
N GLN A 92 -6.66 18.22 42.65
CA GLN A 92 -8.01 18.26 43.20
C GLN A 92 -9.00 17.82 42.14
N VAL A 93 -9.91 16.93 42.53
CA VAL A 93 -10.98 16.49 41.64
C VAL A 93 -12.02 17.60 41.52
N ASN A 94 -12.53 17.80 40.31
CA ASN A 94 -13.61 18.75 40.12
C ASN A 94 -14.88 18.19 40.76
N PRO A 95 -15.38 18.79 41.85
CA PRO A 95 -16.58 18.24 42.50
C PRO A 95 -17.87 18.49 41.73
N ASN A 96 -17.82 19.27 40.65
CA ASN A 96 -18.98 19.55 39.82
C ASN A 96 -18.84 18.95 38.43
N THR A 97 -18.11 17.84 38.32
CA THR A 97 -17.93 17.17 37.04
C THR A 97 -19.23 16.56 36.57
N PRO A 98 -19.82 17.04 35.48
CA PRO A 98 -21.08 16.44 35.00
C PRO A 98 -20.82 15.14 34.25
N GLU A 99 -21.84 14.30 34.20
CA GLU A 99 -21.82 13.15 33.32
C GLU A 99 -21.66 13.64 31.88
N HIS A 100 -20.73 13.04 31.15
CA HIS A 100 -20.37 13.58 29.85
C HIS A 100 -19.78 12.49 28.97
N LYS A 101 -19.69 12.80 27.68
CA LYS A 101 -18.96 11.99 26.71
C LYS A 101 -18.18 12.94 25.80
N PHE A 102 -17.27 12.36 25.04
CA PHE A 102 -16.55 13.08 24.00
C PHE A 102 -16.99 12.58 22.64
N LYS A 103 -17.12 13.50 21.68
CA LYS A 103 -17.45 13.13 20.31
C LYS A 103 -17.08 14.29 19.39
N SER A 104 -16.91 13.97 18.12
CA SER A 104 -16.54 14.95 17.11
C SER A 104 -17.78 15.43 16.36
N ILE A 105 -17.81 16.72 16.06
CA ILE A 105 -18.94 17.34 15.37
C ILE A 105 -18.70 17.26 13.86
N LYS A 106 -19.70 16.81 13.13
CA LYS A 106 -19.61 16.70 11.69
C LYS A 106 -19.96 18.02 11.02
N ALA A 107 -19.65 18.11 9.73
CA ALA A 107 -19.95 19.31 8.96
C ALA A 107 -21.46 19.52 8.87
N GLY A 108 -21.88 20.77 9.04
CA GLY A 108 -23.28 21.13 9.02
C GLY A 108 -23.99 21.03 10.35
N GLU A 109 -23.39 20.36 11.33
CA GLU A 109 -24.03 20.16 12.62
C GLU A 109 -23.82 21.38 13.52
N SER A 110 -24.75 21.57 14.45
CA SER A 110 -24.78 22.74 15.32
C SER A 110 -24.37 22.36 16.74
N PHE A 111 -23.68 23.28 17.40
CA PHE A 111 -23.28 23.10 18.80
C PHE A 111 -23.12 24.48 19.44
N ASN A 112 -22.81 24.47 20.74
CA ASN A 112 -22.76 25.68 21.53
C ASN A 112 -21.33 25.98 21.96
N ILE A 113 -20.98 27.26 21.97
CA ILE A 113 -19.66 27.73 22.39
C ILE A 113 -19.83 28.53 23.68
N LEU A 114 -19.12 28.13 24.72
CA LEU A 114 -19.02 28.90 25.95
C LEU A 114 -17.72 29.69 25.89
N ALA A 115 -17.82 30.96 25.49
CA ALA A 115 -16.64 31.79 25.34
C ALA A 115 -16.11 32.19 26.71
N CYS A 116 -14.81 31.94 26.94
CA CYS A 116 -14.19 32.21 28.21
C CYS A 116 -12.95 33.07 28.01
N TYR A 117 -12.79 34.08 28.86
CA TYR A 117 -11.59 34.92 28.86
C TYR A 117 -10.90 34.75 30.21
N GLU A 118 -9.72 34.16 30.19
CA GLU A 118 -8.89 33.98 31.38
C GLU A 118 -9.61 33.15 32.44
N GLY A 119 -10.20 32.03 32.00
CA GLY A 119 -10.80 31.08 32.91
C GLY A 119 -12.21 31.40 33.37
N CYS A 120 -12.72 32.59 33.06
CA CYS A 120 -14.07 32.97 33.47
C CYS A 120 -15.00 32.91 32.27
N PRO A 121 -16.06 32.09 32.31
CA PRO A 121 -17.00 32.06 31.19
C PRO A 121 -17.64 33.42 30.96
N GLY A 122 -17.52 33.91 29.73
CA GLY A 122 -17.98 35.25 29.41
C GLY A 122 -19.34 35.31 28.74
N SER A 123 -19.53 34.49 27.71
CA SER A 123 -20.79 34.46 26.98
C SER A 123 -20.96 33.08 26.34
N VAL A 124 -22.18 32.82 25.88
CA VAL A 124 -22.53 31.56 25.25
C VAL A 124 -23.35 31.83 24.00
N TYR A 125 -23.09 31.08 22.94
CA TYR A 125 -23.80 31.28 21.68
C TYR A 125 -23.71 30.00 20.87
N GLY A 126 -24.71 29.79 20.01
CA GLY A 126 -24.70 28.65 19.12
C GLY A 126 -23.91 28.92 17.87
N VAL A 127 -23.35 27.85 17.31
CA VAL A 127 -22.56 27.90 16.08
C VAL A 127 -22.91 26.68 15.23
N ASN A 128 -22.34 26.64 14.02
CA ASN A 128 -22.53 25.52 13.11
C ASN A 128 -21.20 25.21 12.45
N MET A 129 -20.92 23.92 12.29
CA MET A 129 -19.63 23.46 11.76
C MET A 129 -19.64 23.55 10.24
N ARG A 130 -18.70 24.31 9.68
CA ARG A 130 -18.59 24.46 8.24
C ARG A 130 -17.90 23.23 7.64
N SER A 131 -17.97 23.14 6.30
CA SER A 131 -17.55 21.92 5.61
C SER A 131 -16.05 21.67 5.76
N GLN A 132 -15.25 22.73 5.85
CA GLN A 132 -13.80 22.61 5.96
C GLN A 132 -13.33 22.53 7.41
N GLY A 133 -14.21 22.16 8.34
CA GLY A 133 -13.83 21.98 9.72
C GLY A 133 -13.66 23.25 10.53
N THR A 134 -14.14 24.39 10.03
CA THR A 134 -14.05 25.66 10.72
C THR A 134 -15.43 26.14 11.15
N ILE A 135 -15.44 27.20 11.95
CA ILE A 135 -16.68 27.85 12.40
C ILE A 135 -16.45 29.36 12.39
N LYS A 136 -17.55 30.10 12.46
CA LYS A 136 -17.52 31.56 12.51
C LYS A 136 -17.94 32.00 13.91
N GLY A 137 -16.99 31.96 14.84
CA GLY A 137 -17.18 32.49 16.17
C GLY A 137 -16.73 33.94 16.27
N SER A 138 -16.66 34.42 17.50
CA SER A 138 -16.15 35.77 17.80
C SER A 138 -15.05 35.67 18.84
N PHE A 139 -14.03 34.86 18.54
CA PHE A 139 -12.92 34.68 19.45
C PHE A 139 -11.93 35.82 19.31
N ILE A 140 -11.47 36.33 20.45
CA ILE A 140 -10.43 37.35 20.49
C ILE A 140 -9.25 36.78 21.27
N ALA A 141 -8.35 37.66 21.72
CA ALA A 141 -7.19 37.22 22.47
C ALA A 141 -7.60 36.69 23.84
N GLY A 142 -7.02 35.56 24.22
CA GLY A 142 -7.27 34.94 25.51
C GLY A 142 -8.48 34.03 25.59
N THR A 143 -9.07 33.65 24.45
CA THR A 143 -10.27 32.82 24.44
C THR A 143 -9.99 31.38 24.03
N CYS A 144 -8.76 31.06 23.67
CA CYS A 144 -8.39 29.69 23.37
C CYS A 144 -8.60 28.79 24.59
N GLY A 145 -9.04 27.56 24.35
CA GLY A 145 -9.51 26.71 25.41
C GLY A 145 -11.00 26.82 25.66
N SER A 146 -11.67 27.81 25.07
CA SER A 146 -13.13 27.89 25.13
C SER A 146 -13.74 26.60 24.64
N VAL A 147 -14.82 26.18 25.30
CA VAL A 147 -15.35 24.83 25.17
C VAL A 147 -16.57 24.84 24.27
N GLY A 148 -16.60 23.92 23.31
CA GLY A 148 -17.78 23.65 22.52
C GLY A 148 -18.48 22.41 23.07
N TYR A 149 -19.79 22.52 23.24
CA TYR A 149 -20.58 21.43 23.81
C TYR A 149 -21.93 21.35 23.13
N VAL A 150 -22.52 20.16 23.16
CA VAL A 150 -23.88 19.93 22.70
C VAL A 150 -24.51 18.87 23.58
N SER A 151 -25.83 18.93 23.71
CA SER A 151 -26.58 17.99 24.54
C SER A 151 -27.64 17.33 23.69
N GLU A 152 -27.64 16.00 23.66
CA GLU A 152 -28.60 15.22 22.90
C GLU A 152 -29.20 14.16 23.81
N ASN A 153 -30.52 14.22 24.02
CA ASN A 153 -31.23 13.26 24.85
C ASN A 153 -30.62 13.16 26.24
N ALA A 154 -30.41 14.32 26.86
CA ALA A 154 -29.87 14.46 28.21
C ALA A 154 -28.45 13.90 28.33
N THR A 155 -27.76 13.69 27.21
CA THR A 155 -26.36 13.30 27.20
C THR A 155 -25.51 14.53 26.85
N LEU A 156 -24.61 14.91 27.74
CA LEU A 156 -23.76 16.06 27.54
C LEU A 156 -22.51 15.65 26.78
N TYR A 157 -22.27 16.29 25.64
CA TYR A 157 -21.11 16.00 24.82
C TYR A 157 -20.19 17.22 24.80
N PHE A 158 -18.89 16.99 25.05
CA PHE A 158 -17.86 17.99 24.79
C PHE A 158 -17.27 17.69 23.41
N VAL A 159 -17.29 18.69 22.53
CA VAL A 159 -16.99 18.47 21.12
C VAL A 159 -15.94 19.42 20.56
N TYR A 160 -15.59 20.51 21.23
CA TYR A 160 -14.76 21.53 20.61
C TYR A 160 -13.95 22.26 21.67
N MET A 161 -12.71 22.61 21.31
CA MET A 161 -11.86 23.49 22.11
C MET A 161 -11.09 24.38 21.16
N HIS A 162 -11.13 25.69 21.40
CA HIS A 162 -10.62 26.65 20.43
C HIS A 162 -9.10 26.78 20.50
N HIS A 163 -8.48 27.01 19.34
CA HIS A 163 -7.02 27.08 19.23
C HIS A 163 -6.52 28.30 18.46
N LEU A 164 -7.14 28.64 17.34
CA LEU A 164 -6.55 29.67 16.49
C LEU A 164 -7.59 30.22 15.52
N GLU A 165 -7.28 31.40 14.97
CA GLU A 165 -8.07 32.03 13.92
C GLU A 165 -7.22 32.09 12.65
N LEU A 166 -7.78 31.60 11.56
CA LEU A 166 -7.07 31.63 10.28
C LEU A 166 -6.95 33.06 9.77
N GLY A 167 -6.22 33.22 8.67
CA GLY A 167 -6.07 34.53 8.07
C GLY A 167 -7.36 35.08 7.51
N ASN A 168 -8.23 34.22 6.98
CA ASN A 168 -9.49 34.64 6.41
C ASN A 168 -10.56 34.92 7.45
N GLY A 169 -10.25 34.76 8.74
CA GLY A 169 -11.19 35.01 9.80
C GLY A 169 -11.87 33.78 10.37
N SER A 170 -11.77 32.63 9.68
CA SER A 170 -12.34 31.40 10.21
C SER A 170 -11.64 31.00 11.50
N HIS A 171 -12.35 30.22 12.32
CA HIS A 171 -11.87 29.82 13.63
C HIS A 171 -11.69 28.31 13.67
N VAL A 172 -10.54 27.88 14.18
CA VAL A 172 -10.13 26.47 14.15
C VAL A 172 -9.98 25.99 15.58
N GLY A 173 -10.47 24.77 15.82
CA GLY A 173 -10.37 24.17 17.14
C GLY A 173 -10.18 22.67 17.05
N SER A 174 -10.15 22.03 18.22
CA SER A 174 -9.94 20.60 18.32
C SER A 174 -11.16 19.94 18.95
N ASN A 175 -11.31 18.65 18.71
CA ASN A 175 -12.13 17.86 19.60
C ASN A 175 -11.39 17.65 20.91
N LEU A 176 -12.04 17.02 21.88
CA LEU A 176 -11.44 16.91 23.19
C LEU A 176 -10.39 15.80 23.28
N GLU A 177 -10.11 15.10 22.19
CA GLU A 177 -9.06 14.09 22.14
C GLU A 177 -7.80 14.58 21.46
N GLY A 178 -7.69 15.88 21.20
CA GLY A 178 -6.50 16.43 20.59
C GLY A 178 -6.45 16.38 19.08
N GLU A 179 -7.54 15.98 18.42
CA GLU A 179 -7.60 15.93 16.98
C GLU A 179 -8.16 17.24 16.46
N MET A 180 -7.33 18.03 15.80
CA MET A 180 -7.75 19.33 15.29
C MET A 180 -8.77 19.15 14.18
N TYR A 181 -9.82 19.96 14.22
CA TYR A 181 -10.86 19.91 13.20
C TYR A 181 -10.31 20.42 11.87
N GLY A 182 -10.63 19.70 10.80
CA GLY A 182 -10.19 20.06 9.47
C GLY A 182 -8.75 19.71 9.16
N GLY A 183 -7.98 19.22 10.13
CA GLY A 183 -6.61 18.84 9.88
C GLY A 183 -5.62 19.98 9.87
N TYR A 184 -6.00 21.16 10.35
CA TYR A 184 -5.09 22.29 10.39
C TYR A 184 -4.05 22.08 11.49
N GLU A 185 -2.93 22.79 11.36
CA GLU A 185 -1.84 22.71 12.32
C GLU A 185 -1.99 23.78 13.38
N ASP A 186 -1.54 23.47 14.60
CA ASP A 186 -1.54 24.45 15.69
C ASP A 186 -0.24 25.26 15.67
N GLN A 187 -0.07 25.98 14.57
CA GLN A 187 1.10 26.80 14.33
C GLN A 187 0.67 28.19 13.88
N PRO A 188 1.49 29.21 14.12
CA PRO A 188 1.19 30.55 13.56
C PRO A 188 1.50 30.62 12.07
N SER A 189 0.69 29.91 11.28
CA SER A 189 0.92 29.76 9.86
C SER A 189 -0.03 30.66 9.06
N MET A 190 0.07 30.56 7.74
CA MET A 190 -0.87 31.17 6.81
C MET A 190 -1.64 30.09 6.05
N GLN A 191 -2.02 29.01 6.74
CA GLN A 191 -2.78 27.95 6.11
C GLN A 191 -4.15 28.48 5.68
N LEU A 192 -4.61 28.02 4.52
CA LEU A 192 -5.87 28.47 3.96
C LEU A 192 -6.96 27.42 4.15
N GLU A 193 -8.20 27.87 4.10
CA GLU A 193 -9.33 27.03 4.48
C GLU A 193 -9.81 26.16 3.34
N GLY A 194 -10.08 26.76 2.19
CA GLY A 194 -10.68 26.09 1.06
C GLY A 194 -12.06 26.66 0.77
N THR A 195 -12.77 25.95 -0.11
CA THR A 195 -14.09 26.39 -0.55
C THR A 195 -15.16 25.94 0.43
N ASN A 196 -15.88 26.89 1.00
CA ASN A 196 -16.98 26.57 1.90
C ASN A 196 -18.16 26.00 1.10
N VAL A 197 -18.69 24.89 1.56
CA VAL A 197 -19.82 24.23 0.91
C VAL A 197 -21.04 24.39 1.82
N MET A 198 -22.09 25.00 1.28
CA MET A 198 -23.30 25.24 2.06
C MET A 198 -24.04 23.92 2.32
N SER A 199 -24.57 23.77 3.52
CA SER A 199 -25.34 22.59 3.88
C SER A 199 -26.76 22.72 3.31
N SER A 200 -27.13 21.79 2.44
CA SER A 200 -28.46 21.84 1.84
C SER A 200 -29.54 21.51 2.86
N ASP A 201 -29.26 20.56 3.76
CA ASP A 201 -30.20 20.25 4.84
C ASP A 201 -30.53 21.50 5.66
N ASN A 202 -29.53 22.34 5.90
CA ASN A 202 -29.73 23.52 6.73
C ASN A 202 -30.45 24.63 5.98
N VAL A 203 -30.17 24.77 4.68
CA VAL A 203 -30.81 25.83 3.90
C VAL A 203 -32.30 25.56 3.74
N VAL A 204 -32.67 24.29 3.52
CA VAL A 204 -34.08 23.94 3.45
C VAL A 204 -34.77 24.25 4.77
N ALA A 205 -34.13 23.91 5.89
CA ALA A 205 -34.72 24.18 7.20
C ALA A 205 -34.90 25.67 7.43
N PHE A 206 -33.92 26.48 7.03
CA PHE A 206 -34.04 27.93 7.19
C PHE A 206 -35.20 28.48 6.38
N LEU A 207 -35.49 27.90 5.22
CA LEU A 207 -36.63 28.36 4.43
C LEU A 207 -37.94 27.91 5.04
N TYR A 208 -37.96 26.77 5.74
CA TYR A 208 -39.16 26.37 6.47
C TYR A 208 -39.42 27.29 7.65
N ALA A 209 -38.36 27.78 8.30
CA ALA A 209 -38.51 28.77 9.35
C ALA A 209 -39.11 30.05 8.80
N ALA A 210 -38.74 30.42 7.57
CA ALA A 210 -39.33 31.59 6.92
C ALA A 210 -40.82 31.39 6.69
N LEU A 211 -41.20 30.24 6.11
CA LEU A 211 -42.60 29.96 5.85
C LEU A 211 -43.42 29.99 7.13
N ILE A 212 -42.89 29.34 8.18
CA ILE A 212 -43.58 29.34 9.47
C ILE A 212 -43.75 30.76 9.99
N ASN A 213 -42.79 31.64 9.71
CA ASN A 213 -42.87 33.05 10.10
C ASN A 213 -43.55 33.91 9.03
N GLY A 214 -44.33 33.31 8.15
CA GLY A 214 -45.18 34.05 7.23
C GLY A 214 -44.50 34.59 5.98
N GLU A 215 -43.21 34.35 5.80
CA GLU A 215 -42.50 34.81 4.61
C GLU A 215 -42.51 33.70 3.57
N ARG A 216 -43.17 33.95 2.43
CA ARG A 216 -43.34 32.91 1.42
C ARG A 216 -43.17 33.43 -0.01
N TRP A 217 -42.66 34.65 -0.20
CA TRP A 217 -42.56 35.20 -1.54
C TRP A 217 -41.61 34.41 -2.44
N PHE A 218 -40.70 33.63 -1.85
CA PHE A 218 -39.72 32.89 -2.63
C PHE A 218 -40.26 31.58 -3.21
N VAL A 219 -41.46 31.16 -2.81
CA VAL A 219 -42.07 29.94 -3.34
C VAL A 219 -42.92 30.30 -4.53
N THR A 220 -42.70 29.60 -5.65
CA THR A 220 -43.48 29.83 -6.86
C THR A 220 -44.18 28.56 -7.31
N ASN A 221 -44.61 28.52 -8.56
CA ASN A 221 -45.34 27.38 -9.10
C ASN A 221 -44.39 26.34 -9.67
N THR A 222 -43.17 26.29 -9.13
CA THR A 222 -42.12 25.43 -9.66
C THR A 222 -41.52 24.60 -8.52
N SER A 223 -41.17 23.36 -8.84
CA SER A 223 -40.51 22.46 -7.90
C SER A 223 -39.55 21.58 -8.67
N MET A 224 -38.38 21.31 -8.09
CA MET A 224 -37.33 20.54 -8.74
C MET A 224 -37.08 19.25 -7.99
N SER A 225 -36.92 18.15 -8.74
CA SER A 225 -36.73 16.84 -8.14
C SER A 225 -35.45 16.79 -7.29
N LEU A 226 -35.32 15.71 -6.52
CA LEU A 226 -34.21 15.58 -5.60
C LEU A 226 -32.88 15.40 -6.34
N GLU A 227 -32.84 14.48 -7.29
CA GLU A 227 -31.60 14.23 -8.03
C GLU A 227 -31.23 15.44 -8.90
N SER A 228 -32.22 16.11 -9.46
CA SER A 228 -31.94 17.32 -10.23
C SER A 228 -31.31 18.38 -9.35
N TYR A 229 -31.78 18.52 -8.11
CA TYR A 229 -31.12 19.43 -7.18
C TYR A 229 -29.72 18.93 -6.81
N ASN A 230 -29.59 17.62 -6.57
CA ASN A 230 -28.29 17.06 -6.21
C ASN A 230 -27.27 17.29 -7.32
N THR A 231 -27.68 17.13 -8.58
CA THR A 231 -26.78 17.39 -9.69
C THR A 231 -26.37 18.87 -9.72
N TRP A 232 -27.34 19.77 -9.54
CA TRP A 232 -27.02 21.19 -9.47
C TRP A 232 -26.12 21.51 -8.29
N ALA A 233 -26.28 20.78 -7.18
CA ALA A 233 -25.51 21.07 -5.97
C ALA A 233 -24.04 20.70 -6.14
N LYS A 234 -23.75 19.66 -6.93
CA LYS A 234 -22.36 19.22 -7.09
C LYS A 234 -21.46 20.31 -7.63
N THR A 235 -22.01 21.22 -8.43
CA THR A 235 -21.23 22.25 -9.11
C THR A 235 -21.50 23.65 -8.58
N ASN A 236 -22.27 23.79 -7.49
CA ASN A 236 -22.61 25.10 -6.96
C ASN A 236 -22.28 25.22 -5.48
N SER A 237 -21.39 24.36 -4.96
CA SER A 237 -20.95 24.41 -3.57
C SER A 237 -22.13 24.26 -2.61
N PHE A 238 -22.91 23.20 -2.81
CA PHE A 238 -23.99 22.80 -1.92
C PHE A 238 -23.90 21.30 -1.73
N THR A 239 -24.13 20.83 -0.51
CA THR A 239 -24.09 19.39 -0.28
C THR A 239 -25.34 18.73 -0.86
N GLU A 240 -25.26 17.42 -1.02
CA GLU A 240 -26.34 16.64 -1.61
C GLU A 240 -27.32 16.18 -0.53
N LEU A 241 -28.61 16.25 -0.86
CA LEU A 241 -29.67 15.80 0.04
C LEU A 241 -29.92 14.31 -0.20
N SER A 242 -29.71 13.51 0.84
CA SER A 242 -29.91 12.07 0.72
C SER A 242 -31.39 11.69 0.65
N SER A 243 -32.27 12.51 1.21
CA SER A 243 -33.71 12.28 1.16
C SER A 243 -34.40 13.54 1.68
N THR A 244 -35.72 13.57 1.52
CA THR A 244 -36.56 14.62 2.07
C THR A 244 -37.26 14.18 3.35
N ASP A 245 -36.70 13.21 4.07
CA ASP A 245 -37.40 12.57 5.18
C ASP A 245 -37.32 13.39 6.46
N ALA A 246 -36.22 14.10 6.68
CA ALA A 246 -36.09 14.93 7.88
C ALA A 246 -37.00 16.15 7.84
N PHE A 247 -37.78 16.34 6.78
CA PHE A 247 -38.67 17.49 6.64
C PHE A 247 -40.13 17.08 6.53
N SER A 248 -40.46 15.81 6.84
CA SER A 248 -41.84 15.37 6.74
C SER A 248 -42.77 16.19 7.63
N MET A 249 -42.31 16.54 8.83
CA MET A 249 -43.14 17.30 9.75
C MET A 249 -43.29 18.75 9.27
N LEU A 250 -42.18 19.37 8.86
CA LEU A 250 -42.25 20.76 8.42
C LEU A 250 -43.03 20.91 7.12
N ALA A 251 -42.96 19.90 6.24
CA ALA A 251 -43.71 19.99 4.99
C ALA A 251 -45.21 19.83 5.22
N ALA A 252 -45.59 19.05 6.23
CA ALA A 252 -47.02 18.88 6.52
C ALA A 252 -47.61 20.14 7.12
N LYS A 253 -46.87 20.79 8.03
CA LYS A 253 -47.41 21.97 8.71
C LYS A 253 -47.51 23.16 7.77
N THR A 254 -46.52 23.34 6.89
CA THR A 254 -46.48 24.49 6.00
C THR A 254 -47.17 24.22 4.66
N GLY A 255 -47.36 22.96 4.28
CA GLY A 255 -47.95 22.64 3.00
C GLY A 255 -47.03 22.79 1.82
N GLN A 256 -45.73 22.99 2.05
CA GLN A 256 -44.75 23.16 0.98
C GLN A 256 -43.77 22.00 1.04
N SER A 257 -43.72 21.21 -0.03
CA SER A 257 -42.75 20.12 -0.11
C SER A 257 -41.33 20.69 -0.19
N VAL A 258 -40.35 19.81 0.02
CA VAL A 258 -38.96 20.21 -0.07
C VAL A 258 -38.58 20.55 -1.50
N GLU A 259 -39.12 19.79 -2.46
CA GLU A 259 -38.82 20.01 -3.87
C GLU A 259 -39.21 21.42 -4.31
N LYS A 260 -40.25 21.99 -3.69
CA LYS A 260 -40.58 23.38 -3.97
C LYS A 260 -39.54 24.32 -3.34
N LEU A 261 -39.06 23.99 -2.15
CA LEU A 261 -37.97 24.78 -1.56
C LEU A 261 -36.65 24.52 -2.27
N LEU A 262 -36.46 23.32 -2.82
CA LEU A 262 -35.26 23.03 -3.58
C LEU A 262 -35.16 23.95 -4.80
N ASP A 263 -36.27 24.19 -5.49
CA ASP A 263 -36.27 25.12 -6.61
C ASP A 263 -36.01 26.55 -6.13
N SER A 264 -36.53 26.91 -4.95
CA SER A 264 -36.29 28.24 -4.42
C SER A 264 -34.82 28.47 -4.10
N ILE A 265 -34.10 27.41 -3.72
CA ILE A 265 -32.68 27.56 -3.43
C ILE A 265 -31.90 27.93 -4.68
N VAL A 266 -32.10 27.17 -5.76
CA VAL A 266 -31.41 27.44 -7.02
C VAL A 266 -31.73 28.84 -7.51
N ARG A 267 -32.94 29.34 -7.24
CA ARG A 267 -33.30 30.69 -7.65
C ARG A 267 -32.75 31.74 -6.68
N LEU A 268 -32.87 31.50 -5.37
CA LEU A 268 -32.41 32.48 -4.40
C LEU A 268 -30.89 32.52 -4.29
N ASN A 269 -30.19 31.48 -4.72
CA ASN A 269 -28.74 31.54 -4.78
C ASN A 269 -28.27 32.64 -5.71
N LYS A 270 -29.05 32.92 -6.77
CA LYS A 270 -28.75 34.05 -7.64
C LYS A 270 -28.71 35.35 -6.87
N GLY A 271 -29.64 35.53 -5.94
CA GLY A 271 -29.70 36.74 -5.14
C GLY A 271 -31.09 36.95 -4.61
N PHE A 272 -31.17 37.82 -3.59
CA PHE A 272 -32.44 38.14 -2.96
C PHE A 272 -33.11 39.36 -3.57
N GLY A 273 -32.41 40.13 -4.39
CA GLY A 273 -32.96 41.34 -4.97
C GLY A 273 -33.30 42.41 -3.95
N GLY A 274 -32.53 42.48 -2.85
CA GLY A 274 -32.81 43.43 -1.80
C GLY A 274 -33.82 42.99 -0.77
N ARG A 275 -34.60 41.95 -1.06
CA ARG A 275 -35.57 41.43 -0.11
C ARG A 275 -34.87 40.60 0.95
N THR A 276 -35.30 40.76 2.21
CA THR A 276 -34.69 40.08 3.34
C THR A 276 -35.64 39.04 3.91
N ILE A 277 -35.09 37.88 4.25
CA ILE A 277 -35.85 36.77 4.81
C ILE A 277 -35.44 36.61 6.26
N LEU A 278 -36.33 37.00 7.18
CA LEU A 278 -36.07 36.91 8.61
C LEU A 278 -34.73 37.57 8.97
N SER A 279 -34.56 38.81 8.50
CA SER A 279 -33.40 39.68 8.71
C SER A 279 -32.17 39.26 7.93
N TYR A 280 -32.28 38.30 7.03
CA TYR A 280 -31.12 37.79 6.28
C TYR A 280 -31.24 38.20 4.81
N GLY A 281 -30.13 38.68 4.26
CA GLY A 281 -30.05 39.10 2.87
C GLY A 281 -29.48 38.09 1.91
N SER A 282 -29.04 36.93 2.40
CA SER A 282 -28.58 35.84 1.54
C SER A 282 -29.00 34.53 2.19
N LEU A 283 -28.75 33.42 1.50
CA LEU A 283 -29.08 32.11 2.04
C LEU A 283 -28.22 31.80 3.25
N CYS A 284 -28.85 31.27 4.29
CA CYS A 284 -28.20 31.02 5.57
C CYS A 284 -28.34 29.55 5.93
N ASP A 285 -27.21 28.89 6.20
CA ASP A 285 -27.17 27.46 6.52
C ASP A 285 -26.75 27.20 7.97
N GLU A 286 -27.01 28.17 8.86
CA GLU A 286 -26.59 28.03 10.24
C GLU A 286 -27.58 27.23 11.09
N PHE A 287 -28.82 27.09 10.64
CA PHE A 287 -29.85 26.41 11.41
C PHE A 287 -30.11 25.02 10.82
N THR A 288 -30.09 24.00 11.69
CA THR A 288 -30.30 22.62 11.27
C THR A 288 -31.78 22.26 11.33
N PRO A 289 -32.18 21.17 10.67
CA PRO A 289 -33.60 20.75 10.73
C PRO A 289 -34.17 20.64 12.13
N THR A 290 -33.54 19.87 13.01
CA THR A 290 -34.06 19.73 14.37
C THR A 290 -33.93 21.03 15.15
N GLU A 291 -32.93 21.85 14.84
CA GLU A 291 -32.81 23.17 15.45
C GLU A 291 -34.03 24.03 15.14
N VAL A 292 -34.50 23.98 13.89
CA VAL A 292 -35.69 24.74 13.52
C VAL A 292 -36.92 24.17 14.20
N ILE A 293 -37.06 22.84 14.18
CA ILE A 293 -38.24 22.20 14.75
C ILE A 293 -38.37 22.52 16.24
N ARG A 294 -37.25 22.51 16.97
CA ARG A 294 -37.30 22.77 18.40
C ARG A 294 -37.64 24.22 18.71
N GLN A 295 -37.20 25.15 17.86
CA GLN A 295 -37.51 26.57 18.10
C GLN A 295 -38.92 26.93 17.68
N MET A 296 -39.47 26.25 16.66
CA MET A 296 -40.79 26.57 16.16
C MET A 296 -41.90 25.83 16.89
N TYR A 297 -41.66 24.60 17.33
CA TYR A 297 -42.71 23.77 17.90
C TYR A 297 -42.37 23.20 19.27
N GLY A 298 -41.23 23.57 19.85
CA GLY A 298 -40.85 23.04 21.15
C GLY A 298 -40.20 21.68 21.06
N VAL A 299 -41.02 20.63 21.16
CA VAL A 299 -40.57 19.25 21.03
C VAL A 299 -39.44 18.94 22.01
N SER B 1 12.45 -5.85 -6.49
CA SER B 1 11.94 -5.02 -7.56
C SER B 1 10.45 -5.27 -7.75
N GLY B 2 10.07 -6.53 -7.83
CA GLY B 2 8.65 -6.86 -7.89
C GLY B 2 8.25 -7.42 -9.25
N LEU B 3 7.26 -8.31 -9.23
CA LEU B 3 6.64 -8.84 -10.44
C LEU B 3 5.14 -8.79 -10.26
N ARG B 4 4.45 -8.11 -11.16
CA ARG B 4 3.00 -7.99 -11.12
C ARG B 4 2.45 -8.17 -12.53
N LYS B 5 1.30 -8.83 -12.64
CA LYS B 5 0.62 -8.94 -13.93
C LYS B 5 0.01 -7.59 -14.29
N MET B 6 0.48 -7.01 -15.39
CA MET B 6 0.18 -5.63 -15.71
C MET B 6 -0.64 -5.52 -16.99
N ALA B 7 -1.27 -4.37 -17.14
CA ALA B 7 -2.02 -4.01 -18.34
C ALA B 7 -1.42 -2.77 -18.95
N GLN B 8 -1.29 -2.76 -20.28
CA GLN B 8 -0.88 -1.56 -20.97
C GLN B 8 -1.95 -0.48 -20.81
N PRO B 9 -1.55 0.79 -20.81
CA PRO B 9 -2.52 1.88 -20.55
C PRO B 9 -3.67 1.85 -21.54
N SER B 10 -4.85 2.23 -21.06
CA SER B 10 -6.10 2.06 -21.77
C SER B 10 -6.61 3.36 -22.39
N GLY B 11 -5.74 4.37 -22.51
CA GLY B 11 -6.21 5.69 -22.93
C GLY B 11 -6.85 5.71 -24.30
N LEU B 12 -6.24 5.01 -25.26
CA LEU B 12 -6.74 5.02 -26.62
C LEU B 12 -7.98 4.15 -26.82
N VAL B 13 -8.30 3.28 -25.86
CA VAL B 13 -9.40 2.34 -26.00
C VAL B 13 -10.68 2.86 -25.34
N GLU B 14 -10.54 3.59 -24.23
CA GLU B 14 -11.70 4.10 -23.49
C GLU B 14 -12.69 4.88 -24.34
N PRO B 15 -12.28 5.81 -25.22
CA PRO B 15 -13.29 6.57 -25.98
C PRO B 15 -14.07 5.75 -26.99
N CYS B 16 -13.69 4.50 -27.24
CA CYS B 16 -14.34 3.67 -28.25
C CYS B 16 -15.41 2.75 -27.67
N ILE B 17 -15.59 2.74 -26.35
CA ILE B 17 -16.55 1.84 -25.71
C ILE B 17 -17.92 2.50 -25.69
N VAL B 18 -18.92 1.78 -26.18
CA VAL B 18 -20.30 2.26 -26.20
C VAL B 18 -21.20 1.22 -25.55
N ARG B 19 -22.37 1.69 -25.12
CA ARG B 19 -23.40 0.82 -24.57
C ARG B 19 -24.37 0.46 -25.69
N VAL B 20 -24.51 -0.83 -25.97
CA VAL B 20 -25.43 -1.34 -26.98
C VAL B 20 -26.51 -2.14 -26.28
N SER B 21 -27.76 -1.80 -26.55
CA SER B 21 -28.89 -2.53 -25.98
C SER B 21 -29.90 -2.85 -27.08
N TYR B 22 -30.61 -3.95 -26.88
CA TYR B 22 -31.65 -4.39 -27.80
C TYR B 22 -32.66 -5.20 -27.00
N GLY B 23 -33.86 -4.65 -26.83
CA GLY B 23 -34.83 -5.27 -25.94
C GLY B 23 -34.38 -5.24 -24.49
N ASN B 24 -34.21 -6.41 -23.89
CA ASN B 24 -33.77 -6.52 -22.50
C ASN B 24 -32.31 -6.97 -22.40
N ASN B 25 -31.57 -6.91 -23.49
CA ASN B 25 -30.15 -7.26 -23.49
C ASN B 25 -29.33 -5.98 -23.57
N VAL B 26 -28.42 -5.80 -22.60
CA VAL B 26 -27.50 -4.67 -22.58
C VAL B 26 -26.08 -5.21 -22.47
N LEU B 27 -25.21 -4.74 -23.36
CA LEU B 27 -23.80 -5.13 -23.31
C LEU B 27 -22.99 -3.97 -23.90
N ASN B 28 -21.75 -4.25 -24.27
CA ASN B 28 -20.81 -3.24 -24.74
C ASN B 28 -20.47 -3.46 -26.21
N GLY B 29 -20.09 -2.37 -26.87
CA GLY B 29 -19.65 -2.42 -28.25
C GLY B 29 -18.39 -1.61 -28.44
N LEU B 30 -17.76 -1.81 -29.59
CA LEU B 30 -16.54 -1.10 -29.97
C LEU B 30 -16.88 -0.15 -31.10
N TRP B 31 -16.82 1.15 -30.82
CA TRP B 31 -17.21 2.20 -31.77
C TRP B 31 -15.95 2.71 -32.47
N LEU B 32 -15.75 2.28 -33.71
CA LEU B 32 -14.63 2.72 -34.54
C LEU B 32 -15.17 3.25 -35.84
N GLY B 33 -14.74 4.45 -36.23
CA GLY B 33 -15.30 5.08 -37.41
C GLY B 33 -16.79 5.30 -37.21
N ASP B 34 -17.58 4.95 -38.22
CA ASP B 34 -19.03 4.96 -38.11
C ASP B 34 -19.59 3.55 -37.92
N GLU B 35 -18.78 2.63 -37.40
CA GLU B 35 -19.20 1.25 -37.17
C GLU B 35 -19.09 0.92 -35.69
N VAL B 36 -20.07 0.16 -35.21
CA VAL B 36 -20.07 -0.38 -33.85
C VAL B 36 -20.08 -1.89 -33.93
N ILE B 37 -19.11 -2.53 -33.30
CA ILE B 37 -18.99 -3.99 -33.29
C ILE B 37 -19.39 -4.48 -31.91
N CYS B 38 -20.31 -5.45 -31.88
CA CYS B 38 -20.80 -6.00 -30.62
C CYS B 38 -21.03 -7.50 -30.78
N PRO B 39 -21.27 -8.24 -29.69
CA PRO B 39 -21.67 -9.64 -29.83
C PRO B 39 -23.09 -9.74 -30.38
N ARG B 40 -23.29 -10.67 -31.30
CA ARG B 40 -24.58 -10.77 -31.99
C ARG B 40 -25.69 -11.28 -31.09
N HIS B 41 -25.35 -11.83 -29.95
CA HIS B 41 -26.36 -12.37 -29.03
C HIS B 41 -27.17 -11.29 -28.37
N VAL B 42 -26.86 -10.04 -28.59
CA VAL B 42 -27.62 -8.97 -27.97
C VAL B 42 -29.04 -8.88 -28.52
N ILE B 43 -29.27 -9.39 -29.74
CA ILE B 43 -30.61 -9.40 -30.32
C ILE B 43 -31.36 -10.69 -30.05
N ALA B 44 -30.75 -11.64 -29.35
CA ALA B 44 -31.42 -12.89 -29.04
C ALA B 44 -32.54 -12.66 -28.03
N SER B 45 -33.65 -13.38 -28.20
CA SER B 45 -34.81 -13.19 -27.36
C SER B 45 -34.64 -13.82 -25.98
N ASP B 46 -33.90 -14.92 -25.89
CA ASP B 46 -33.66 -15.58 -24.60
C ASP B 46 -32.29 -16.26 -24.68
N THR B 47 -31.28 -15.58 -24.14
CA THR B 47 -29.91 -16.09 -24.21
C THR B 47 -29.67 -17.30 -23.32
N THR B 48 -30.62 -17.65 -22.45
CA THR B 48 -30.49 -18.83 -21.60
C THR B 48 -30.96 -20.11 -22.29
N ARG B 49 -31.59 -19.99 -23.46
CA ARG B 49 -31.96 -21.13 -24.28
C ARG B 49 -31.23 -21.04 -25.62
N VAL B 50 -31.13 -22.17 -26.31
CA VAL B 50 -30.41 -22.21 -27.57
C VAL B 50 -31.06 -21.25 -28.56
N ILE B 51 -30.24 -20.57 -29.35
CA ILE B 51 -30.66 -19.44 -30.16
C ILE B 51 -30.57 -19.80 -31.64
N ASN B 52 -31.65 -19.54 -32.37
CA ASN B 52 -31.64 -19.61 -33.83
C ASN B 52 -31.31 -18.21 -34.35
N TYR B 53 -30.03 -17.98 -34.68
CA TYR B 53 -29.61 -16.64 -35.07
C TYR B 53 -30.19 -16.23 -36.41
N GLU B 54 -30.55 -17.19 -37.26
CA GLU B 54 -31.28 -16.86 -38.49
C GLU B 54 -32.65 -16.28 -38.17
N ASN B 55 -33.33 -16.85 -37.17
CA ASN B 55 -34.65 -16.35 -36.80
C ASN B 55 -34.56 -15.00 -36.11
N GLU B 56 -33.55 -14.82 -35.24
CA GLU B 56 -33.40 -13.53 -34.57
C GLU B 56 -33.05 -12.43 -35.56
N MET B 57 -32.22 -12.74 -36.56
CA MET B 57 -31.94 -11.78 -37.62
C MET B 57 -33.17 -11.52 -38.48
N SER B 58 -34.07 -12.51 -38.58
CA SER B 58 -35.28 -12.32 -39.38
C SER B 58 -36.21 -11.28 -38.76
N SER B 59 -36.34 -11.30 -37.44
CA SER B 59 -37.27 -10.41 -36.74
C SER B 59 -36.61 -9.14 -36.25
N VAL B 60 -35.34 -8.90 -36.58
CA VAL B 60 -34.64 -7.73 -36.07
C VAL B 60 -35.26 -6.46 -36.67
N ARG B 61 -35.24 -5.39 -35.87
CA ARG B 61 -35.67 -4.07 -36.32
C ARG B 61 -34.65 -3.06 -35.84
N LEU B 62 -34.19 -2.21 -36.75
CA LEU B 62 -33.14 -1.25 -36.43
C LEU B 62 -33.55 -0.31 -35.30
N HIS B 63 -34.83 0.06 -35.24
CA HIS B 63 -35.28 1.00 -34.22
C HIS B 63 -35.37 0.39 -32.83
N ASN B 64 -35.13 -0.91 -32.69
CA ASN B 64 -35.05 -1.53 -31.38
C ASN B 64 -33.65 -1.44 -30.76
N PHE B 65 -32.66 -1.03 -31.54
CA PHE B 65 -31.31 -0.86 -31.03
C PHE B 65 -31.19 0.44 -30.23
N SER B 66 -30.25 0.46 -29.31
CA SER B 66 -29.88 1.68 -28.60
C SER B 66 -28.37 1.69 -28.45
N VAL B 67 -27.72 2.71 -29.01
CA VAL B 67 -26.27 2.85 -29.00
C VAL B 67 -25.95 4.22 -28.42
N SER B 68 -25.09 4.24 -27.40
CA SER B 68 -24.81 5.49 -26.69
C SER B 68 -23.42 5.48 -26.11
N LYS B 69 -22.80 6.66 -26.07
CA LYS B 69 -21.56 6.91 -25.37
C LYS B 69 -21.79 8.04 -24.37
N ASN B 70 -21.68 7.71 -23.09
CA ASN B 70 -21.83 8.69 -22.00
C ASN B 70 -23.18 9.41 -22.08
N ASN B 71 -24.25 8.62 -22.16
CA ASN B 71 -25.62 9.12 -22.17
C ASN B 71 -25.90 10.03 -23.38
N VAL B 72 -25.23 9.76 -24.49
CA VAL B 72 -25.47 10.45 -25.76
C VAL B 72 -25.65 9.38 -26.82
N PHE B 73 -26.83 9.35 -27.45
CA PHE B 73 -27.26 8.22 -28.26
C PHE B 73 -27.08 8.48 -29.74
N LEU B 74 -26.83 7.41 -30.49
CA LEU B 74 -26.64 7.45 -31.92
C LEU B 74 -27.72 6.63 -32.61
N GLY B 75 -27.92 6.89 -33.90
CA GLY B 75 -28.92 6.18 -34.69
C GLY B 75 -28.29 5.07 -35.49
N VAL B 76 -28.89 3.89 -35.40
CA VAL B 76 -28.44 2.71 -36.14
C VAL B 76 -29.11 2.72 -37.50
N VAL B 77 -28.31 2.70 -38.56
CA VAL B 77 -28.83 2.70 -39.93
C VAL B 77 -28.60 1.39 -40.66
N SER B 78 -27.84 0.45 -40.08
CA SER B 78 -27.66 -0.85 -40.71
C SER B 78 -27.14 -1.83 -39.67
N ALA B 79 -27.54 -3.10 -39.83
CA ALA B 79 -27.14 -4.16 -38.91
C ALA B 79 -26.79 -5.41 -39.70
N LYS B 80 -25.61 -5.97 -39.42
CA LYS B 80 -25.14 -7.16 -40.12
C LYS B 80 -24.52 -8.14 -39.14
N TYR B 81 -24.67 -9.42 -39.44
CA TYR B 81 -23.84 -10.44 -38.82
C TYR B 81 -22.50 -10.50 -39.54
N LYS B 82 -21.43 -10.63 -38.77
CA LYS B 82 -20.11 -11.00 -39.31
C LYS B 82 -19.53 -12.05 -38.36
N GLY B 83 -19.67 -13.31 -38.73
CA GLY B 83 -19.31 -14.37 -37.81
C GLY B 83 -20.25 -14.37 -36.62
N VAL B 84 -19.68 -14.29 -35.42
CA VAL B 84 -20.47 -14.25 -34.19
C VAL B 84 -20.68 -12.83 -33.68
N ASN B 85 -20.24 -11.82 -34.44
CA ASN B 85 -20.39 -10.43 -34.04
C ASN B 85 -21.46 -9.75 -34.87
N LEU B 86 -22.11 -8.76 -34.25
CA LEU B 86 -23.01 -7.86 -34.96
C LEU B 86 -22.23 -6.61 -35.35
N VAL B 87 -22.30 -6.25 -36.63
CA VAL B 87 -21.65 -5.04 -37.13
C VAL B 87 -22.74 -4.05 -37.46
N LEU B 88 -22.82 -2.97 -36.67
CA LEU B 88 -23.80 -1.92 -36.85
C LEU B 88 -23.15 -0.70 -37.46
N LYS B 89 -23.89 -0.01 -38.33
CA LYS B 89 -23.48 1.30 -38.83
C LYS B 89 -24.28 2.37 -38.11
N VAL B 90 -23.59 3.37 -37.59
CA VAL B 90 -24.22 4.46 -36.86
C VAL B 90 -24.08 5.74 -37.68
N ASN B 91 -24.92 6.72 -37.35
CA ASN B 91 -24.98 7.98 -38.09
C ASN B 91 -23.96 9.00 -37.59
N GLN B 92 -22.90 8.55 -36.92
CA GLN B 92 -21.86 9.46 -36.44
C GLN B 92 -20.52 8.74 -36.43
N VAL B 93 -19.51 9.38 -37.01
CA VAL B 93 -18.15 8.88 -36.98
C VAL B 93 -17.55 9.21 -35.62
N ASN B 94 -16.96 8.21 -34.96
CA ASN B 94 -16.28 8.41 -33.68
C ASN B 94 -15.08 9.33 -33.90
N PRO B 95 -15.12 10.56 -33.38
CA PRO B 95 -13.99 11.48 -33.59
C PRO B 95 -12.75 11.08 -32.83
N ASN B 96 -12.84 10.16 -31.87
CA ASN B 96 -11.69 9.69 -31.11
C ASN B 96 -11.27 8.28 -31.54
N THR B 97 -11.48 7.95 -32.80
CA THR B 97 -11.04 6.67 -33.33
C THR B 97 -9.53 6.67 -33.48
N PRO B 98 -8.81 5.83 -32.74
CA PRO B 98 -7.34 5.81 -32.87
C PRO B 98 -6.92 4.97 -34.06
N GLU B 99 -5.68 5.20 -34.49
CA GLU B 99 -5.05 4.30 -35.45
C GLU B 99 -4.99 2.91 -34.84
N HIS B 100 -5.45 1.93 -35.61
CA HIS B 100 -5.58 0.59 -35.05
C HIS B 100 -5.53 -0.45 -36.17
N LYS B 101 -5.30 -1.69 -35.77
CA LYS B 101 -5.36 -2.84 -36.65
C LYS B 101 -6.12 -3.94 -35.95
N PHE B 102 -6.50 -4.96 -36.71
CA PHE B 102 -7.12 -6.17 -36.18
C PHE B 102 -6.15 -7.33 -36.31
N LYS B 103 -6.08 -8.13 -35.25
CA LYS B 103 -5.16 -9.27 -35.22
C LYS B 103 -5.68 -10.29 -34.23
N SER B 104 -5.41 -11.57 -34.52
CA SER B 104 -5.81 -12.66 -33.66
C SER B 104 -4.65 -13.10 -32.78
N ILE B 105 -4.96 -13.46 -31.53
CA ILE B 105 -3.96 -13.81 -30.54
C ILE B 105 -3.75 -15.33 -30.54
N LYS B 106 -2.52 -15.76 -30.41
CA LYS B 106 -2.18 -17.17 -30.34
C LYS B 106 -2.10 -17.63 -28.88
N ALA B 107 -2.04 -18.94 -28.70
CA ALA B 107 -1.92 -19.51 -27.36
C ALA B 107 -0.59 -19.10 -26.73
N GLY B 108 -0.66 -18.72 -25.45
CA GLY B 108 0.51 -18.29 -24.73
C GLY B 108 0.85 -16.82 -24.85
N GLU B 109 0.12 -16.07 -25.67
CA GLU B 109 0.39 -14.65 -25.87
C GLU B 109 -0.45 -13.82 -24.91
N SER B 110 0.11 -12.70 -24.48
CA SER B 110 -0.53 -11.82 -23.50
C SER B 110 -1.22 -10.66 -24.18
N PHE B 111 -2.28 -10.17 -23.54
CA PHE B 111 -2.96 -8.96 -23.97
C PHE B 111 -3.79 -8.43 -22.80
N ASN B 112 -4.35 -7.24 -23.00
CA ASN B 112 -5.05 -6.50 -21.96
C ASN B 112 -6.56 -6.56 -22.19
N ILE B 113 -7.31 -6.63 -21.09
CA ILE B 113 -8.77 -6.62 -21.13
C ILE B 113 -9.25 -5.32 -20.50
N LEU B 114 -10.05 -4.57 -21.24
CA LEU B 114 -10.77 -3.41 -20.70
C LEU B 114 -12.18 -3.89 -20.35
N ALA B 115 -12.40 -4.16 -19.06
CA ALA B 115 -13.70 -4.67 -18.61
C ALA B 115 -14.69 -3.52 -18.53
N CYS B 116 -15.82 -3.67 -19.21
CA CYS B 116 -16.82 -2.62 -19.29
C CYS B 116 -18.18 -3.16 -18.84
N TYR B 117 -19.01 -2.26 -18.30
CA TYR B 117 -20.36 -2.59 -17.88
C TYR B 117 -21.30 -1.49 -18.39
N GLU B 118 -22.28 -1.88 -19.21
CA GLU B 118 -23.25 -0.95 -19.77
C GLU B 118 -22.56 0.20 -20.50
N GLY B 119 -21.52 -0.13 -21.25
CA GLY B 119 -20.79 0.86 -22.02
C GLY B 119 -19.83 1.72 -21.23
N CYS B 120 -19.70 1.49 -19.93
CA CYS B 120 -18.77 2.27 -19.11
C CYS B 120 -17.54 1.45 -18.82
N PRO B 121 -16.35 1.86 -19.29
CA PRO B 121 -15.13 1.14 -18.94
C PRO B 121 -14.93 1.12 -17.43
N GLY B 122 -14.75 -0.07 -16.88
CA GLY B 122 -14.66 -0.24 -15.45
C GLY B 122 -13.27 -0.55 -14.94
N SER B 123 -12.57 -1.48 -15.58
CA SER B 123 -11.27 -1.89 -15.11
C SER B 123 -10.42 -2.39 -16.27
N VAL B 124 -9.10 -2.34 -16.07
CA VAL B 124 -8.13 -2.84 -17.03
C VAL B 124 -7.25 -3.87 -16.33
N TYR B 125 -6.92 -4.94 -17.03
CA TYR B 125 -6.02 -5.96 -16.49
C TYR B 125 -5.51 -6.83 -17.62
N GLY B 126 -4.29 -7.36 -17.43
CA GLY B 126 -3.68 -8.22 -18.41
C GLY B 126 -4.09 -9.67 -18.25
N VAL B 127 -4.09 -10.39 -19.37
CA VAL B 127 -4.43 -11.81 -19.42
C VAL B 127 -3.44 -12.51 -20.35
N ASN B 128 -3.58 -13.82 -20.45
CA ASN B 128 -2.78 -14.64 -21.35
C ASN B 128 -3.68 -15.70 -21.99
N MET B 129 -3.41 -15.99 -23.26
CA MET B 129 -4.27 -16.90 -24.02
C MET B 129 -3.86 -18.34 -23.75
N ARG B 130 -4.78 -19.13 -23.20
CA ARG B 130 -4.53 -20.53 -22.93
C ARG B 130 -4.57 -21.34 -24.22
N SER B 131 -4.17 -22.62 -24.12
CA SER B 131 -3.96 -23.43 -25.30
C SER B 131 -5.26 -23.77 -26.03
N GLN B 132 -6.37 -23.89 -25.29
CA GLN B 132 -7.65 -24.21 -25.90
C GLN B 132 -8.41 -22.97 -26.38
N GLY B 133 -7.73 -21.84 -26.50
CA GLY B 133 -8.39 -20.64 -26.99
C GLY B 133 -9.20 -19.89 -25.96
N THR B 134 -8.96 -20.12 -24.67
CA THR B 134 -9.67 -19.45 -23.59
C THR B 134 -8.73 -18.57 -22.81
N ILE B 135 -9.32 -17.71 -21.98
CA ILE B 135 -8.58 -16.90 -21.02
C ILE B 135 -9.26 -17.01 -19.66
N LYS B 136 -8.50 -16.73 -18.61
CA LYS B 136 -9.03 -16.70 -17.25
C LYS B 136 -9.15 -15.24 -16.83
N GLY B 137 -10.23 -14.61 -17.29
CA GLY B 137 -10.59 -13.28 -16.87
C GLY B 137 -11.51 -13.32 -15.68
N SER B 138 -12.23 -12.21 -15.46
CA SER B 138 -13.20 -12.11 -14.39
C SER B 138 -14.45 -11.36 -14.89
N PHE B 139 -15.04 -11.89 -15.97
CA PHE B 139 -16.23 -11.29 -16.52
C PHE B 139 -17.46 -11.73 -15.74
N ILE B 140 -18.37 -10.78 -15.52
CA ILE B 140 -19.65 -11.07 -14.87
C ILE B 140 -20.77 -10.66 -15.82
N ALA B 141 -21.99 -10.65 -15.32
CA ALA B 141 -23.14 -10.28 -16.15
C ALA B 141 -23.00 -8.85 -16.66
N GLY B 142 -23.32 -8.65 -17.94
CA GLY B 142 -23.25 -7.34 -18.54
C GLY B 142 -21.88 -6.92 -19.03
N THR B 143 -20.91 -7.82 -19.06
CA THR B 143 -19.56 -7.47 -19.48
C THR B 143 -19.21 -7.97 -20.87
N CYS B 144 -20.10 -8.75 -21.50
CA CYS B 144 -19.91 -9.13 -22.89
C CYS B 144 -19.75 -7.88 -23.76
N GLY B 145 -18.88 -7.98 -24.75
CA GLY B 145 -18.50 -6.82 -25.52
C GLY B 145 -17.25 -6.12 -25.01
N SER B 146 -16.78 -6.48 -23.81
CA SER B 146 -15.50 -5.99 -23.33
C SER B 146 -14.41 -6.31 -24.35
N VAL B 147 -13.46 -5.39 -24.49
CA VAL B 147 -12.51 -5.41 -25.61
C VAL B 147 -11.14 -5.78 -25.09
N GLY B 148 -10.47 -6.67 -25.82
CA GLY B 148 -9.07 -6.98 -25.58
C GLY B 148 -8.19 -6.30 -26.62
N TYR B 149 -7.05 -5.79 -26.16
CA TYR B 149 -6.15 -5.04 -27.03
C TYR B 149 -4.72 -5.28 -26.60
N VAL B 150 -3.78 -4.95 -27.50
CA VAL B 150 -2.36 -5.00 -27.21
C VAL B 150 -1.64 -4.06 -28.17
N SER B 151 -0.57 -3.45 -27.68
CA SER B 151 0.21 -2.48 -28.44
C SER B 151 1.63 -3.01 -28.61
N GLU B 152 2.07 -3.13 -29.86
CA GLU B 152 3.44 -3.54 -30.18
C GLU B 152 4.04 -2.52 -31.12
N ASN B 153 5.18 -1.96 -30.75
CA ASN B 153 5.90 -0.97 -31.55
C ASN B 153 4.97 0.19 -31.94
N ALA B 154 4.20 0.66 -30.96
CA ALA B 154 3.29 1.80 -31.09
C ALA B 154 2.12 1.53 -32.03
N THR B 155 1.84 0.27 -32.33
CA THR B 155 0.67 -0.09 -33.14
C THR B 155 -0.39 -0.70 -32.23
N LEU B 156 -1.60 -0.12 -32.26
CA LEU B 156 -2.71 -0.61 -31.45
C LEU B 156 -3.43 -1.71 -32.20
N TYR B 157 -3.53 -2.88 -31.57
CA TYR B 157 -4.25 -4.01 -32.13
C TYR B 157 -5.47 -4.30 -31.26
N PHE B 158 -6.62 -4.46 -31.90
CA PHE B 158 -7.81 -5.00 -31.25
C PHE B 158 -7.87 -6.49 -31.51
N VAL B 159 -7.96 -7.29 -30.44
CA VAL B 159 -7.77 -8.74 -30.56
C VAL B 159 -8.89 -9.55 -29.91
N TYR B 160 -9.73 -8.98 -29.05
CA TYR B 160 -10.65 -9.80 -28.27
C TYR B 160 -11.93 -9.04 -27.98
N MET B 161 -13.06 -9.73 -28.10
CA MET B 161 -14.36 -9.25 -27.66
C MET B 161 -15.04 -10.37 -26.89
N HIS B 162 -15.48 -10.07 -25.68
CA HIS B 162 -15.95 -11.11 -24.77
C HIS B 162 -17.36 -11.57 -25.14
N HIS B 163 -17.59 -12.88 -25.02
CA HIS B 163 -18.87 -13.45 -25.45
C HIS B 163 -19.54 -14.30 -24.38
N LEU B 164 -18.80 -15.22 -23.74
CA LEU B 164 -19.44 -16.15 -22.83
C LEU B 164 -18.41 -16.72 -21.86
N GLU B 165 -18.92 -17.41 -20.84
CA GLU B 165 -18.12 -18.11 -19.85
C GLU B 165 -18.50 -19.59 -19.88
N LEU B 166 -17.51 -20.45 -20.10
CA LEU B 166 -17.76 -21.88 -20.14
C LEU B 166 -18.25 -22.40 -18.79
N GLY B 167 -18.78 -23.62 -18.80
CA GLY B 167 -19.26 -24.22 -17.57
C GLY B 167 -18.16 -24.44 -16.55
N ASN B 168 -16.93 -24.69 -17.01
CA ASN B 168 -15.80 -24.87 -16.11
C ASN B 168 -15.20 -23.54 -15.64
N GLY B 169 -15.72 -22.41 -16.10
CA GLY B 169 -15.29 -21.11 -15.64
C GLY B 169 -14.40 -20.35 -16.60
N SER B 170 -13.84 -21.01 -17.61
CA SER B 170 -13.02 -20.32 -18.59
C SER B 170 -13.87 -19.37 -19.43
N HIS B 171 -13.24 -18.30 -19.90
CA HIS B 171 -13.94 -17.23 -20.60
C HIS B 171 -13.63 -17.28 -22.10
N VAL B 172 -14.66 -17.10 -22.91
CA VAL B 172 -14.59 -17.31 -24.35
C VAL B 172 -14.94 -16.01 -25.06
N GLY B 173 -14.19 -15.69 -26.11
CA GLY B 173 -14.47 -14.52 -26.91
C GLY B 173 -14.04 -14.75 -28.35
N SER B 174 -14.22 -13.72 -29.16
CA SER B 174 -13.86 -13.76 -30.57
C SER B 174 -12.86 -12.67 -30.87
N ASN B 175 -12.20 -12.80 -32.02
CA ASN B 175 -11.46 -11.65 -32.54
C ASN B 175 -12.44 -10.62 -33.08
N LEU B 176 -11.93 -9.51 -33.58
CA LEU B 176 -12.81 -8.45 -34.04
C LEU B 176 -13.36 -8.71 -35.43
N GLU B 177 -13.01 -9.83 -36.06
CA GLU B 177 -13.59 -10.24 -37.33
C GLU B 177 -14.68 -11.28 -37.18
N GLY B 178 -15.13 -11.53 -35.95
CA GLY B 178 -16.25 -12.42 -35.71
C GLY B 178 -15.92 -13.90 -35.60
N GLU B 179 -14.65 -14.26 -35.45
CA GLU B 179 -14.24 -15.66 -35.31
C GLU B 179 -13.97 -15.93 -33.84
N MET B 180 -14.78 -16.80 -33.25
CA MET B 180 -14.63 -17.13 -31.84
C MET B 180 -13.32 -17.89 -31.61
N TYR B 181 -12.61 -17.51 -30.56
CA TYR B 181 -11.37 -18.19 -30.21
C TYR B 181 -11.66 -19.61 -29.73
N GLY B 182 -10.88 -20.57 -30.21
CA GLY B 182 -11.06 -21.95 -29.86
C GLY B 182 -12.19 -22.65 -30.58
N GLY B 183 -12.90 -21.98 -31.49
CA GLY B 183 -13.97 -22.59 -32.22
C GLY B 183 -15.24 -22.85 -31.44
N TYR B 184 -15.36 -22.28 -30.24
CA TYR B 184 -16.56 -22.48 -29.43
C TYR B 184 -17.75 -21.77 -30.07
N GLU B 185 -18.95 -22.20 -29.66
CA GLU B 185 -20.19 -21.67 -30.18
C GLU B 185 -20.76 -20.63 -29.24
N ASP B 186 -21.40 -19.61 -29.82
CA ASP B 186 -22.06 -18.56 -29.04
C ASP B 186 -23.47 -18.99 -28.65
N GLN B 187 -23.52 -20.09 -27.90
CA GLN B 187 -24.77 -20.69 -27.45
C GLN B 187 -24.69 -20.99 -25.96
N PRO B 188 -25.82 -20.97 -25.26
CA PRO B 188 -25.82 -21.38 -23.85
C PRO B 188 -25.70 -22.89 -23.69
N SER B 189 -24.67 -23.46 -24.31
CA SER B 189 -24.43 -24.90 -24.26
C SER B 189 -23.54 -25.24 -23.07
N MET B 190 -23.22 -26.52 -22.94
CA MET B 190 -22.29 -27.00 -21.92
C MET B 190 -21.02 -27.54 -22.57
N GLN B 191 -20.57 -26.88 -23.64
CA GLN B 191 -19.38 -27.32 -24.35
C GLN B 191 -18.17 -27.33 -23.42
N LEU B 192 -17.26 -28.26 -23.67
CA LEU B 192 -16.13 -28.50 -22.78
C LEU B 192 -14.85 -27.89 -23.33
N GLU B 193 -13.97 -27.48 -22.42
CA GLU B 193 -12.62 -27.07 -22.76
C GLU B 193 -11.70 -28.27 -22.69
N GLY B 194 -10.76 -28.34 -23.62
CA GLY B 194 -9.81 -29.45 -23.64
C GLY B 194 -8.81 -29.37 -22.51
N THR B 195 -7.74 -30.14 -22.61
CA THR B 195 -6.67 -30.08 -21.61
C THR B 195 -5.80 -28.86 -21.87
N ASN B 196 -5.56 -28.07 -20.83
CA ASN B 196 -4.67 -26.92 -20.97
C ASN B 196 -3.22 -27.39 -21.04
N VAL B 197 -2.51 -26.94 -22.07
CA VAL B 197 -1.10 -27.25 -22.25
C VAL B 197 -0.31 -26.03 -21.79
N MET B 198 0.44 -26.19 -20.71
CA MET B 198 1.21 -25.07 -20.16
C MET B 198 2.23 -24.58 -21.17
N SER B 199 2.30 -23.26 -21.34
CA SER B 199 3.29 -22.66 -22.23
C SER B 199 4.67 -22.75 -21.61
N SER B 200 5.57 -23.48 -22.26
CA SER B 200 6.90 -23.69 -21.70
C SER B 200 7.73 -22.40 -21.75
N ASP B 201 7.57 -21.61 -22.81
CA ASP B 201 8.28 -20.33 -22.88
C ASP B 201 7.90 -19.43 -21.72
N ASN B 202 6.63 -19.46 -21.33
CA ASN B 202 6.15 -18.54 -20.29
C ASN B 202 6.60 -18.98 -18.90
N VAL B 203 6.65 -20.30 -18.66
CA VAL B 203 7.11 -20.79 -17.37
C VAL B 203 8.58 -20.45 -17.15
N VAL B 204 9.40 -20.64 -18.18
CA VAL B 204 10.82 -20.28 -18.09
C VAL B 204 10.97 -18.80 -17.82
N ALA B 205 10.17 -17.97 -18.49
CA ALA B 205 10.20 -16.53 -18.24
C ALA B 205 9.79 -16.21 -16.81
N PHE B 206 8.80 -16.92 -16.30
CA PHE B 206 8.36 -16.69 -14.92
C PHE B 206 9.43 -17.07 -13.92
N LEU B 207 10.18 -18.15 -14.19
CA LEU B 207 11.25 -18.55 -13.29
C LEU B 207 12.42 -17.57 -13.34
N TYR B 208 12.71 -17.03 -14.51
CA TYR B 208 13.73 -15.98 -14.61
C TYR B 208 13.31 -14.75 -13.82
N ALA B 209 12.02 -14.40 -13.88
CA ALA B 209 11.53 -13.29 -13.07
C ALA B 209 11.69 -13.59 -11.59
N ALA B 210 11.53 -14.84 -11.18
CA ALA B 210 11.76 -15.22 -9.80
C ALA B 210 13.22 -15.06 -9.42
N LEU B 211 14.12 -15.50 -10.30
CA LEU B 211 15.56 -15.34 -10.05
C LEU B 211 15.93 -13.87 -9.93
N ILE B 212 15.44 -13.05 -10.86
CA ILE B 212 15.71 -11.62 -10.84
C ILE B 212 15.21 -10.99 -9.54
N ASN B 213 14.14 -11.54 -8.96
CA ASN B 213 13.56 -11.01 -7.75
C ASN B 213 14.09 -11.66 -6.48
N GLY B 214 15.09 -12.52 -6.59
CA GLY B 214 15.72 -13.12 -5.43
C GLY B 214 15.30 -14.53 -5.09
N GLU B 215 14.38 -15.12 -5.86
CA GLU B 215 13.94 -16.49 -5.63
C GLU B 215 14.85 -17.44 -6.40
N ARG B 216 15.49 -18.38 -5.69
CA ARG B 216 16.38 -19.30 -6.37
C ARG B 216 16.44 -20.67 -5.73
N TRP B 217 15.55 -21.00 -4.79
CA TRP B 217 15.60 -22.31 -4.14
C TRP B 217 15.30 -23.45 -5.09
N PHE B 218 14.69 -23.16 -6.24
CA PHE B 218 14.33 -24.21 -7.20
C PHE B 218 15.45 -24.59 -8.14
N VAL B 219 16.58 -23.87 -8.10
CA VAL B 219 17.72 -24.15 -8.96
C VAL B 219 18.70 -25.02 -8.20
N THR B 220 19.03 -26.18 -8.75
CA THR B 220 20.05 -27.06 -8.23
C THR B 220 21.23 -27.09 -9.20
N ASN B 221 22.18 -27.97 -8.94
CA ASN B 221 23.28 -28.18 -9.90
C ASN B 221 22.91 -29.22 -10.94
N THR B 222 21.68 -29.13 -11.44
CA THR B 222 21.14 -30.04 -12.42
C THR B 222 20.73 -29.25 -13.67
N SER B 223 21.08 -29.77 -14.84
CA SER B 223 20.77 -29.15 -16.12
C SER B 223 20.28 -30.21 -17.08
N MET B 224 19.10 -29.97 -17.67
CA MET B 224 18.44 -30.93 -18.54
C MET B 224 18.44 -30.42 -19.98
N SER B 225 18.90 -31.25 -20.91
CA SER B 225 19.01 -30.84 -22.30
C SER B 225 17.65 -30.49 -22.89
N LEU B 226 17.68 -29.74 -23.99
CA LEU B 226 16.45 -29.26 -24.61
C LEU B 226 15.61 -30.42 -25.15
N GLU B 227 16.24 -31.36 -25.85
CA GLU B 227 15.49 -32.49 -26.40
C GLU B 227 14.92 -33.35 -25.28
N SER B 228 15.65 -33.48 -24.17
CA SER B 228 15.15 -34.26 -23.04
C SER B 228 13.95 -33.57 -22.39
N TYR B 229 13.96 -32.24 -22.35
CA TYR B 229 12.79 -31.53 -21.83
C TYR B 229 11.59 -31.71 -22.76
N ASN B 230 11.80 -31.56 -24.08
CA ASN B 230 10.71 -31.65 -25.03
C ASN B 230 10.11 -33.05 -25.06
N THR B 231 10.91 -34.08 -24.74
CA THR B 231 10.36 -35.42 -24.63
C THR B 231 9.46 -35.54 -23.40
N TRP B 232 9.87 -34.92 -22.29
CA TRP B 232 9.04 -34.93 -21.08
C TRP B 232 7.79 -34.07 -21.25
N ALA B 233 7.88 -33.01 -22.07
CA ALA B 233 6.75 -32.10 -22.21
C ALA B 233 5.58 -32.77 -22.91
N LYS B 234 5.86 -33.69 -23.85
CA LYS B 234 4.81 -34.30 -24.65
C LYS B 234 3.78 -35.02 -23.80
N THR B 235 4.20 -35.60 -22.66
CA THR B 235 3.32 -36.41 -21.83
C THR B 235 3.00 -35.74 -20.50
N ASN B 236 3.23 -34.44 -20.36
CA ASN B 236 2.99 -33.75 -19.10
C ASN B 236 2.28 -32.40 -19.31
N SER B 237 1.59 -32.23 -20.43
CA SER B 237 0.77 -31.03 -20.69
C SER B 237 1.63 -29.75 -20.69
N PHE B 238 2.75 -29.81 -21.40
CA PHE B 238 3.62 -28.66 -21.60
C PHE B 238 3.99 -28.56 -23.07
N THR B 239 4.10 -27.34 -23.56
CA THR B 239 4.50 -27.12 -24.94
C THR B 239 5.99 -27.42 -25.12
N GLU B 240 6.36 -27.77 -26.35
CA GLU B 240 7.75 -28.03 -26.68
C GLU B 240 8.48 -26.70 -26.89
N LEU B 241 9.66 -26.58 -26.28
CA LEU B 241 10.49 -25.40 -26.47
C LEU B 241 11.27 -25.55 -27.77
N SER B 242 10.99 -24.69 -28.75
CA SER B 242 11.66 -24.78 -30.03
C SER B 242 13.12 -24.39 -29.93
N SER B 243 13.47 -23.52 -28.98
CA SER B 243 14.82 -22.99 -28.85
C SER B 243 14.94 -22.30 -27.50
N THR B 244 16.19 -21.98 -27.14
CA THR B 244 16.48 -21.16 -25.96
C THR B 244 16.97 -19.77 -26.34
N ASP B 245 16.76 -19.37 -27.60
CA ASP B 245 17.30 -18.11 -28.10
C ASP B 245 16.61 -16.90 -27.50
N ALA B 246 15.37 -17.03 -27.03
CA ALA B 246 14.65 -15.88 -26.52
C ALA B 246 15.14 -15.45 -25.14
N PHE B 247 15.87 -16.32 -24.44
CA PHE B 247 16.30 -16.06 -23.06
C PHE B 247 17.80 -15.79 -22.98
N SER B 248 18.39 -15.30 -24.07
CA SER B 248 19.84 -15.06 -24.09
C SER B 248 20.24 -14.03 -23.05
N MET B 249 19.54 -12.89 -23.01
CA MET B 249 19.89 -11.84 -22.06
C MET B 249 19.53 -12.25 -20.63
N LEU B 250 18.41 -12.94 -20.44
CA LEU B 250 18.03 -13.38 -19.10
C LEU B 250 19.02 -14.39 -18.54
N ALA B 251 19.49 -15.30 -19.37
CA ALA B 251 20.49 -16.28 -18.92
C ALA B 251 21.81 -15.60 -18.57
N ALA B 252 22.19 -14.58 -19.33
CA ALA B 252 23.45 -13.88 -19.06
C ALA B 252 23.34 -12.99 -17.84
N LYS B 253 22.19 -12.34 -17.64
CA LYS B 253 22.04 -11.43 -16.51
C LYS B 253 21.86 -12.17 -15.19
N THR B 254 21.21 -13.34 -15.20
CA THR B 254 21.04 -14.13 -14.00
C THR B 254 22.09 -15.22 -13.85
N GLY B 255 22.91 -15.47 -14.87
CA GLY B 255 23.88 -16.54 -14.80
C GLY B 255 23.29 -17.93 -14.77
N GLN B 256 22.04 -18.08 -15.18
CA GLN B 256 21.35 -19.37 -15.15
C GLN B 256 20.86 -19.69 -16.55
N SER B 257 21.33 -20.81 -17.10
CA SER B 257 20.89 -21.24 -18.41
C SER B 257 19.45 -21.73 -18.37
N VAL B 258 18.82 -21.78 -19.54
CA VAL B 258 17.45 -22.29 -19.65
C VAL B 258 17.39 -23.75 -19.22
N GLU B 259 18.39 -24.54 -19.61
CA GLU B 259 18.42 -25.96 -19.27
C GLU B 259 18.39 -26.18 -17.77
N LYS B 260 18.98 -25.25 -17.00
CA LYS B 260 18.87 -25.33 -15.54
C LYS B 260 17.46 -25.06 -15.06
N LEU B 261 16.72 -24.21 -15.78
CA LEU B 261 15.33 -23.96 -15.43
C LEU B 261 14.42 -25.07 -15.95
N LEU B 262 14.78 -25.71 -17.07
CA LEU B 262 14.00 -26.83 -17.58
C LEU B 262 13.99 -27.99 -16.59
N ASP B 263 15.12 -28.24 -15.93
CA ASP B 263 15.15 -29.28 -14.90
C ASP B 263 14.28 -28.88 -13.70
N SER B 264 14.26 -27.60 -13.35
CA SER B 264 13.43 -27.14 -12.26
C SER B 264 11.95 -27.34 -12.58
N ILE B 265 11.55 -27.06 -13.82
CA ILE B 265 10.16 -27.27 -14.22
C ILE B 265 9.78 -28.73 -14.04
N VAL B 266 10.64 -29.65 -14.51
CA VAL B 266 10.37 -31.07 -14.39
C VAL B 266 10.21 -31.48 -12.93
N ARG B 267 10.95 -30.83 -12.03
CA ARG B 267 10.85 -31.15 -10.61
C ARG B 267 9.73 -30.40 -9.91
N LEU B 268 9.49 -29.13 -10.27
CA LEU B 268 8.46 -28.35 -9.62
C LEU B 268 7.06 -28.74 -10.06
N ASN B 269 6.91 -29.37 -11.22
CA ASN B 269 5.58 -29.75 -11.69
C ASN B 269 4.94 -30.79 -10.78
N LYS B 270 5.75 -31.65 -10.16
CA LYS B 270 5.24 -32.65 -9.24
C LYS B 270 4.85 -32.06 -7.88
N GLY B 271 5.27 -30.84 -7.59
CA GLY B 271 4.94 -30.19 -6.33
C GLY B 271 6.05 -29.26 -5.89
N PHE B 272 5.65 -28.22 -5.14
CA PHE B 272 6.59 -27.23 -4.62
C PHE B 272 7.15 -27.61 -3.26
N GLY B 273 6.60 -28.64 -2.61
CA GLY B 273 7.01 -28.97 -1.26
C GLY B 273 6.58 -27.96 -0.22
N GLY B 274 5.41 -27.35 -0.42
CA GLY B 274 4.93 -26.33 0.49
C GLY B 274 5.49 -24.95 0.27
N ARG B 275 6.56 -24.82 -0.53
CA ARG B 275 7.20 -23.53 -0.75
C ARG B 275 6.44 -22.74 -1.82
N THR B 276 6.78 -21.45 -1.93
CA THR B 276 6.18 -20.57 -2.91
C THR B 276 7.26 -19.93 -3.77
N ILE B 277 6.86 -19.50 -4.96
CA ILE B 277 7.74 -18.79 -5.90
C ILE B 277 7.03 -17.48 -6.25
N LEU B 278 7.41 -16.40 -5.57
CA LEU B 278 6.82 -15.08 -5.79
C LEU B 278 5.30 -15.12 -5.65
N SER B 279 4.86 -15.59 -4.48
CA SER B 279 3.46 -15.69 -4.08
C SER B 279 2.73 -16.86 -4.75
N TYR B 280 3.38 -17.50 -5.73
CA TYR B 280 2.73 -18.56 -6.49
C TYR B 280 2.98 -19.92 -5.84
N GLY B 281 1.91 -20.71 -5.71
CA GLY B 281 1.98 -22.06 -5.18
C GLY B 281 2.16 -23.13 -6.23
N SER B 282 2.18 -22.76 -7.51
CA SER B 282 2.42 -23.69 -8.59
C SER B 282 3.07 -22.93 -9.74
N LEU B 283 3.39 -23.66 -10.81
CA LEU B 283 4.01 -23.04 -11.97
C LEU B 283 3.02 -22.12 -12.68
N CYS B 284 3.52 -20.97 -13.15
CA CYS B 284 2.70 -19.94 -13.77
C CYS B 284 3.21 -19.69 -15.19
N ASP B 285 2.31 -19.74 -16.16
CA ASP B 285 2.64 -19.50 -17.56
C ASP B 285 1.91 -18.29 -18.13
N GLU B 286 1.65 -17.29 -17.28
CA GLU B 286 0.92 -16.10 -17.69
C GLU B 286 1.82 -14.97 -18.17
N PHE B 287 3.13 -15.07 -17.96
CA PHE B 287 4.08 -14.03 -18.37
C PHE B 287 4.94 -14.53 -19.52
N THR B 288 4.97 -13.74 -20.60
CA THR B 288 5.79 -14.08 -21.75
C THR B 288 7.23 -13.60 -21.54
N PRO B 289 8.19 -14.13 -22.32
CA PRO B 289 9.58 -13.68 -22.15
C PRO B 289 9.77 -12.18 -22.38
N THR B 290 9.23 -11.64 -23.47
CA THR B 290 9.32 -10.19 -23.67
C THR B 290 8.58 -9.44 -22.58
N GLU B 291 7.49 -10.00 -22.07
CA GLU B 291 6.76 -9.38 -20.97
C GLU B 291 7.63 -9.27 -19.73
N VAL B 292 8.37 -10.33 -19.39
CA VAL B 292 9.24 -10.29 -18.24
C VAL B 292 10.41 -9.34 -18.47
N ILE B 293 11.01 -9.41 -19.67
CA ILE B 293 12.16 -8.55 -19.98
C ILE B 293 11.78 -7.08 -19.85
N ARG B 294 10.60 -6.71 -20.35
CA ARG B 294 10.20 -5.31 -20.32
C ARG B 294 9.92 -4.84 -18.89
N GLN B 295 9.29 -5.68 -18.08
CA GLN B 295 8.99 -5.28 -16.71
C GLN B 295 10.24 -5.23 -15.84
N MET B 296 11.22 -6.11 -16.10
CA MET B 296 12.40 -6.16 -15.25
C MET B 296 13.45 -5.13 -15.66
N TYR B 297 13.53 -4.78 -16.94
CA TYR B 297 14.62 -3.93 -17.44
C TYR B 297 14.17 -2.74 -18.27
N GLY B 298 12.89 -2.64 -18.62
CA GLY B 298 12.42 -1.49 -19.37
C GLY B 298 12.80 -1.53 -20.84
N VAL B 299 12.94 -0.35 -21.42
CA VAL B 299 13.34 -0.18 -22.83
C VAL B 299 12.54 -1.07 -23.77
N SER C 1 -16.25 -17.14 -12.36
CA SER C 1 -16.33 -15.71 -12.59
C SER C 1 -15.01 -15.02 -12.28
N GLY C 2 -14.04 -15.79 -11.76
CA GLY C 2 -12.67 -15.34 -11.60
C GLY C 2 -12.41 -14.27 -10.55
N LEU C 3 -11.15 -14.16 -10.14
CA LEU C 3 -10.69 -13.11 -9.23
C LEU C 3 -9.29 -12.70 -9.61
N ARG C 4 -9.11 -11.43 -9.98
CA ARG C 4 -7.79 -10.88 -10.24
C ARG C 4 -7.70 -9.48 -9.66
N LYS C 5 -6.47 -9.05 -9.40
CA LYS C 5 -6.24 -7.66 -9.05
C LYS C 5 -6.45 -6.78 -10.29
N MET C 6 -7.27 -5.75 -10.15
CA MET C 6 -7.66 -4.92 -11.28
C MET C 6 -7.22 -3.48 -11.05
N ALA C 7 -7.25 -2.70 -12.12
CA ALA C 7 -6.90 -1.30 -12.09
C ALA C 7 -7.99 -0.49 -12.77
N GLN C 8 -8.25 0.70 -12.24
CA GLN C 8 -9.17 1.60 -12.90
C GLN C 8 -8.51 2.21 -14.14
N PRO C 9 -9.28 2.50 -15.18
CA PRO C 9 -8.69 2.99 -16.43
C PRO C 9 -7.85 4.23 -16.23
N SER C 10 -6.80 4.34 -17.05
CA SER C 10 -5.77 5.37 -16.88
C SER C 10 -5.91 6.53 -17.84
N GLY C 11 -7.05 6.65 -18.52
CA GLY C 11 -7.17 7.62 -19.61
C GLY C 11 -6.93 9.06 -19.17
N LEU C 12 -7.41 9.43 -17.98
CA LEU C 12 -7.28 10.80 -17.53
C LEU C 12 -5.91 11.12 -16.93
N VAL C 13 -5.15 10.10 -16.53
CA VAL C 13 -3.86 10.31 -15.89
C VAL C 13 -2.73 10.36 -16.91
N GLU C 14 -2.82 9.56 -17.97
CA GLU C 14 -1.74 9.43 -18.94
C GLU C 14 -1.24 10.75 -19.51
N PRO C 15 -2.09 11.69 -19.97
CA PRO C 15 -1.56 12.94 -20.53
C PRO C 15 -0.88 13.84 -19.52
N CYS C 16 -0.85 13.48 -18.24
CA CYS C 16 -0.26 14.30 -17.20
C CYS C 16 1.18 13.93 -16.86
N ILE C 17 1.71 12.86 -17.47
CA ILE C 17 3.04 12.37 -17.15
C ILE C 17 4.06 13.00 -18.08
N VAL C 18 5.14 13.53 -17.51
CA VAL C 18 6.23 14.12 -18.26
C VAL C 18 7.54 13.50 -17.82
N ARG C 19 8.56 13.66 -18.66
CA ARG C 19 9.91 13.18 -18.35
C ARG C 19 10.70 14.31 -17.72
N VAL C 20 11.09 14.13 -16.46
CA VAL C 20 11.84 15.14 -15.71
C VAL C 20 13.26 14.63 -15.53
N SER C 21 14.23 15.35 -16.09
CA SER C 21 15.64 15.00 -15.99
C SER C 21 16.42 16.16 -15.36
N TYR C 22 17.44 15.81 -14.59
CA TYR C 22 18.32 16.80 -13.98
C TYR C 22 19.67 16.14 -13.75
N GLY C 23 20.65 16.50 -14.57
CA GLY C 23 21.94 15.83 -14.49
C GLY C 23 21.81 14.40 -14.95
N ASN C 24 22.34 13.47 -14.15
CA ASN C 24 22.26 12.06 -14.48
C ASN C 24 20.94 11.42 -14.08
N ASN C 25 20.07 12.14 -13.38
CA ASN C 25 18.83 11.59 -12.87
C ASN C 25 17.70 11.78 -13.88
N VAL C 26 16.96 10.71 -14.15
CA VAL C 26 15.82 10.72 -15.05
C VAL C 26 14.66 10.01 -14.36
N LEU C 27 13.53 10.69 -14.24
CA LEU C 27 12.34 10.09 -13.63
C LEU C 27 11.11 10.75 -14.25
N ASN C 28 9.98 10.64 -13.56
CA ASN C 28 8.69 11.12 -14.06
C ASN C 28 8.16 12.25 -13.19
N GLY C 29 7.30 13.07 -13.80
CA GLY C 29 6.64 14.14 -13.09
C GLY C 29 5.16 14.17 -13.41
N LEU C 30 4.41 14.86 -12.55
CA LEU C 30 2.97 15.01 -12.69
C LEU C 30 2.68 16.43 -13.15
N TRP C 31 2.18 16.57 -14.37
CA TRP C 31 2.00 17.88 -15.02
C TRP C 31 0.53 18.27 -14.92
N LEU C 32 0.21 19.17 -14.00
CA LEU C 32 -1.14 19.67 -13.82
C LEU C 32 -1.11 21.19 -13.91
N GLY C 33 -1.86 21.74 -14.84
CA GLY C 33 -1.84 23.18 -15.03
C GLY C 33 -0.48 23.61 -15.54
N ASP C 34 0.15 24.55 -14.84
CA ASP C 34 1.51 24.96 -15.13
C ASP C 34 2.48 24.53 -14.04
N GLU C 35 2.12 23.52 -13.26
CA GLU C 35 2.96 22.96 -12.21
C GLU C 35 3.34 21.53 -12.57
N VAL C 36 4.58 21.15 -12.26
CA VAL C 36 5.05 19.79 -12.42
C VAL C 36 5.58 19.32 -11.08
N ILE C 37 4.99 18.25 -10.54
CA ILE C 37 5.38 17.68 -9.26
C ILE C 37 6.20 16.43 -9.53
N CYS C 38 7.35 16.32 -8.87
CA CYS C 38 8.26 15.20 -9.08
C CYS C 38 9.00 14.94 -7.76
N PRO C 39 9.56 13.75 -7.60
CA PRO C 39 10.39 13.49 -6.41
C PRO C 39 11.60 14.41 -6.37
N ARG C 40 11.87 14.96 -5.18
CA ARG C 40 12.89 16.00 -5.06
C ARG C 40 14.31 15.46 -5.19
N HIS C 41 14.51 14.14 -5.08
CA HIS C 41 15.88 13.64 -5.23
C HIS C 41 16.35 13.65 -6.67
N VAL C 42 15.56 14.17 -7.61
CA VAL C 42 16.00 14.31 -8.99
C VAL C 42 17.13 15.32 -9.11
N ILE C 43 17.24 16.25 -8.15
CA ILE C 43 18.33 17.23 -8.15
C ILE C 43 19.50 16.81 -7.28
N ALA C 44 19.46 15.61 -6.71
CA ALA C 44 20.56 15.14 -5.87
C ALA C 44 21.78 14.83 -6.73
N SER C 45 22.94 15.29 -6.30
CA SER C 45 24.17 15.03 -7.04
C SER C 45 24.46 13.53 -7.11
N ASP C 46 24.19 12.81 -6.04
CA ASP C 46 24.42 11.36 -5.98
C ASP C 46 23.29 10.75 -5.17
N THR C 47 22.41 9.99 -5.85
CA THR C 47 21.28 9.36 -5.18
C THR C 47 21.67 8.14 -4.37
N THR C 48 22.90 7.67 -4.48
CA THR C 48 23.35 6.46 -3.78
C THR C 48 24.06 6.75 -2.47
N ARG C 49 24.20 8.03 -2.09
CA ARG C 49 24.80 8.39 -0.82
C ARG C 49 24.02 9.55 -0.23
N VAL C 50 24.17 9.73 1.09
CA VAL C 50 23.32 10.66 1.84
C VAL C 50 23.30 12.03 1.19
N ILE C 51 22.10 12.60 1.10
CA ILE C 51 21.84 13.82 0.34
C ILE C 51 21.58 14.97 1.31
N ASN C 52 22.26 16.10 1.07
CA ASN C 52 22.00 17.35 1.79
C ASN C 52 21.09 18.19 0.91
N TYR C 53 19.78 18.10 1.16
CA TYR C 53 18.81 18.75 0.28
C TYR C 53 18.89 20.26 0.36
N GLU C 54 19.36 20.80 1.48
CA GLU C 54 19.58 22.24 1.58
C GLU C 54 20.62 22.70 0.56
N ASN C 55 21.75 22.00 0.50
CA ASN C 55 22.83 22.39 -0.40
C ASN C 55 22.45 22.19 -1.86
N GLU C 56 21.69 21.13 -2.16
CA GLU C 56 21.31 20.87 -3.55
C GLU C 56 20.37 21.95 -4.07
N MET C 57 19.44 22.39 -3.23
CA MET C 57 18.58 23.51 -3.62
C MET C 57 19.36 24.81 -3.73
N SER C 58 20.42 24.97 -2.92
CA SER C 58 21.22 26.18 -2.98
C SER C 58 21.98 26.28 -4.29
N SER C 59 22.43 25.15 -4.84
CA SER C 59 23.20 25.13 -6.07
C SER C 59 22.36 24.71 -7.28
N VAL C 60 21.03 24.75 -7.16
CA VAL C 60 20.18 24.33 -8.27
C VAL C 60 20.26 25.38 -9.38
N ARG C 61 20.28 24.90 -10.62
CA ARG C 61 20.30 25.77 -11.80
C ARG C 61 19.15 25.35 -12.71
N LEU C 62 18.22 26.27 -12.94
CA LEU C 62 16.98 25.92 -13.63
C LEU C 62 17.23 25.45 -15.05
N HIS C 63 18.34 25.88 -15.67
CA HIS C 63 18.64 25.47 -17.03
C HIS C 63 19.14 24.03 -17.11
N ASN C 64 19.42 23.39 -15.98
CA ASN C 64 19.83 21.98 -15.97
C ASN C 64 18.63 21.04 -16.00
N PHE C 65 17.43 21.55 -15.78
CA PHE C 65 16.21 20.76 -15.90
C PHE C 65 15.89 20.51 -17.37
N SER C 66 15.39 19.32 -17.66
CA SER C 66 14.81 18.99 -18.96
C SER C 66 13.49 18.31 -18.69
N VAL C 67 12.39 18.98 -19.02
CA VAL C 67 11.03 18.48 -18.79
C VAL C 67 10.36 18.42 -20.16
N SER C 68 10.02 17.21 -20.60
CA SER C 68 9.49 17.03 -21.95
C SER C 68 8.41 15.96 -21.96
N LYS C 69 7.47 16.13 -22.89
CA LYS C 69 6.45 15.12 -23.18
C LYS C 69 6.19 15.13 -24.67
N ASN C 70 6.51 14.01 -25.34
CA ASN C 70 6.38 13.87 -26.79
C ASN C 70 7.26 14.92 -27.45
N ASN C 71 6.74 15.80 -28.30
CA ASN C 71 7.53 16.81 -28.98
C ASN C 71 7.48 18.16 -28.27
N VAL C 72 7.08 18.19 -27.01
CA VAL C 72 6.96 19.42 -26.24
C VAL C 72 8.06 19.44 -25.19
N PHE C 73 8.78 20.55 -25.11
CA PHE C 73 9.73 20.81 -24.05
C PHE C 73 9.17 21.89 -23.13
N LEU C 74 9.24 21.66 -21.83
CA LEU C 74 8.73 22.60 -20.84
C LEU C 74 9.89 23.28 -20.14
N GLY C 75 9.93 24.61 -20.21
CA GLY C 75 10.98 25.36 -19.52
C GLY C 75 10.60 25.61 -18.07
N VAL C 76 11.57 25.40 -17.18
CA VAL C 76 11.35 25.54 -15.74
C VAL C 76 11.62 26.98 -15.33
N VAL C 77 10.61 27.63 -14.74
CA VAL C 77 10.71 29.03 -14.34
C VAL C 77 10.80 29.22 -12.84
N SER C 78 10.50 28.19 -12.04
CA SER C 78 10.52 28.30 -10.59
C SER C 78 10.51 26.90 -9.99
N ALA C 79 11.20 26.74 -8.87
CA ALA C 79 11.34 25.42 -8.24
C ALA C 79 11.43 25.59 -6.73
N LYS C 80 10.59 24.84 -6.01
CA LYS C 80 10.57 24.87 -4.56
C LYS C 80 10.26 23.48 -4.02
N TYR C 81 10.79 23.20 -2.83
CA TYR C 81 10.43 21.95 -2.15
C TYR C 81 9.02 22.05 -1.59
N LYS C 82 8.36 20.90 -1.51
CA LYS C 82 7.09 20.74 -0.78
C LYS C 82 7.13 19.35 -0.18
N GLY C 83 7.65 19.25 1.04
CA GLY C 83 7.90 17.94 1.61
C GLY C 83 9.08 17.29 0.90
N VAL C 84 8.90 16.05 0.48
CA VAL C 84 9.95 15.31 -0.23
C VAL C 84 9.71 15.43 -1.72
N ASN C 85 8.85 16.36 -2.12
CA ASN C 85 8.52 16.58 -3.51
C ASN C 85 9.13 17.87 -4.01
N LEU C 86 9.29 17.95 -5.33
CA LEU C 86 9.69 19.16 -6.03
C LEU C 86 8.49 19.70 -6.79
N VAL C 87 8.16 20.97 -6.58
CA VAL C 87 7.09 21.64 -7.29
C VAL C 87 7.73 22.63 -8.25
N LEU C 88 7.72 22.29 -9.55
CA LEU C 88 8.30 23.12 -10.59
C LEU C 88 7.21 23.86 -11.34
N LYS C 89 7.42 25.15 -11.57
CA LYS C 89 6.56 25.93 -12.44
C LYS C 89 7.15 25.95 -13.84
N VAL C 90 6.31 25.69 -14.83
CA VAL C 90 6.76 25.55 -16.21
C VAL C 90 6.15 26.65 -17.07
N ASN C 91 6.73 26.84 -18.26
CA ASN C 91 6.32 27.91 -19.18
C ASN C 91 5.21 27.46 -20.12
N GLN C 92 4.34 26.55 -19.68
CA GLN C 92 3.20 26.11 -20.50
C GLN C 92 2.17 25.39 -19.62
N VAL C 93 0.90 25.71 -19.81
CA VAL C 93 -0.17 25.04 -19.08
C VAL C 93 -0.53 23.76 -19.80
N ASN C 94 -0.74 22.70 -19.04
CA ASN C 94 -1.14 21.41 -19.60
C ASN C 94 -2.56 21.50 -20.14
N PRO C 95 -2.77 21.48 -21.45
CA PRO C 95 -4.14 21.62 -21.98
C PRO C 95 -5.02 20.42 -21.74
N ASN C 96 -4.46 19.32 -21.22
CA ASN C 96 -5.23 18.13 -20.89
C ASN C 96 -5.31 17.90 -19.38
N THR C 97 -5.31 18.98 -18.61
CA THR C 97 -5.39 18.88 -17.15
C THR C 97 -6.80 18.48 -16.74
N PRO C 98 -7.00 17.33 -16.12
CA PRO C 98 -8.35 16.90 -15.74
C PRO C 98 -8.77 17.43 -14.37
N GLU C 99 -10.09 17.46 -14.17
CA GLU C 99 -10.63 17.78 -12.86
C GLU C 99 -10.15 16.75 -11.85
N HIS C 100 -9.51 17.22 -10.78
CA HIS C 100 -8.85 16.31 -9.85
C HIS C 100 -8.83 16.91 -8.46
N LYS C 101 -8.76 16.03 -7.47
CA LYS C 101 -8.49 16.38 -6.08
C LYS C 101 -7.22 15.68 -5.62
N PHE C 102 -6.81 15.96 -4.40
CA PHE C 102 -5.70 15.28 -3.77
C PHE C 102 -6.18 14.64 -2.46
N LYS C 103 -5.57 13.51 -2.12
CA LYS C 103 -6.04 12.70 -1.00
C LYS C 103 -4.95 11.72 -0.61
N SER C 104 -4.92 11.37 0.67
CA SER C 104 -3.98 10.37 1.18
C SER C 104 -4.70 9.06 1.43
N ILE C 105 -3.97 7.96 1.22
CA ILE C 105 -4.52 6.61 1.31
C ILE C 105 -4.17 6.03 2.67
N LYS C 106 -5.17 5.49 3.36
CA LYS C 106 -4.93 4.82 4.63
C LYS C 106 -4.50 3.37 4.41
N ALA C 107 -3.99 2.76 5.48
CA ALA C 107 -3.54 1.37 5.41
C ALA C 107 -4.69 0.45 5.04
N GLY C 108 -4.37 -0.60 4.29
CA GLY C 108 -5.34 -1.57 3.82
C GLY C 108 -6.12 -1.16 2.58
N GLU C 109 -6.21 0.15 2.32
CA GLU C 109 -6.94 0.62 1.16
C GLU C 109 -6.19 0.31 -0.13
N SER C 110 -6.93 0.22 -1.22
CA SER C 110 -6.39 -0.09 -2.53
C SER C 110 -6.50 1.10 -3.46
N PHE C 111 -5.53 1.22 -4.36
CA PHE C 111 -5.52 2.28 -5.37
C PHE C 111 -4.78 1.77 -6.60
N ASN C 112 -4.68 2.62 -7.62
CA ASN C 112 -4.11 2.25 -8.90
C ASN C 112 -2.73 2.88 -9.07
N ILE C 113 -1.86 2.19 -9.80
CA ILE C 113 -0.52 2.68 -10.10
C ILE C 113 -0.36 2.74 -11.61
N LEU C 114 -0.03 3.93 -12.12
CA LEU C 114 0.40 4.10 -13.50
C LEU C 114 1.92 4.05 -13.52
N ALA C 115 2.47 2.89 -13.83
CA ALA C 115 3.92 2.73 -13.88
C ALA C 115 4.47 3.45 -15.11
N CYS C 116 5.33 4.44 -14.88
CA CYS C 116 5.90 5.25 -15.94
C CYS C 116 7.41 5.08 -15.95
N TYR C 117 7.99 5.07 -17.15
CA TYR C 117 9.40 4.77 -17.34
C TYR C 117 10.04 5.94 -18.09
N GLU C 118 10.64 6.86 -17.33
CA GLU C 118 11.33 8.03 -17.88
C GLU C 118 10.40 8.85 -18.77
N GLY C 119 9.19 9.11 -18.26
CA GLY C 119 8.25 10.01 -18.89
C GLY C 119 7.17 9.34 -19.72
N CYS C 120 7.30 8.05 -20.02
CA CYS C 120 6.32 7.37 -20.86
C CYS C 120 5.53 6.37 -20.02
N PRO C 121 4.21 6.52 -19.90
CA PRO C 121 3.42 5.54 -19.16
C PRO C 121 3.53 4.17 -19.82
N GLY C 122 3.79 3.16 -19.00
CA GLY C 122 4.03 1.83 -19.52
C GLY C 122 2.98 0.81 -19.13
N SER C 123 2.52 0.85 -17.88
CA SER C 123 1.56 -0.14 -17.42
C SER C 123 0.67 0.47 -16.35
N VAL C 124 -0.41 -0.26 -16.02
CA VAL C 124 -1.37 0.10 -14.99
C VAL C 124 -1.70 -1.14 -14.16
N TYR C 125 -1.71 -0.98 -12.84
CA TYR C 125 -2.11 -2.09 -11.98
C TYR C 125 -2.55 -1.56 -10.64
N GLY C 126 -3.29 -2.39 -9.90
CA GLY C 126 -3.77 -2.03 -8.59
C GLY C 126 -2.84 -2.50 -7.49
N VAL C 127 -2.82 -1.74 -6.39
CA VAL C 127 -1.99 -2.03 -5.24
C VAL C 127 -2.85 -1.90 -3.98
N ASN C 128 -2.25 -2.25 -2.85
CA ASN C 128 -2.91 -2.15 -1.55
C ASN C 128 -1.92 -1.58 -0.55
N MET C 129 -2.33 -0.52 0.15
CA MET C 129 -1.46 0.18 1.09
C MET C 129 -1.26 -0.68 2.33
N ARG C 130 -0.03 -1.17 2.53
CA ARG C 130 0.28 -1.99 3.70
C ARG C 130 0.24 -1.14 4.97
N SER C 131 0.50 -1.78 6.10
CA SER C 131 0.33 -1.11 7.39
C SER C 131 1.42 -0.06 7.60
N GLN C 132 2.67 -0.42 7.38
CA GLN C 132 3.78 0.52 7.57
C GLN C 132 3.83 1.61 6.51
N GLY C 133 2.80 1.73 5.68
CA GLY C 133 2.73 2.75 4.66
C GLY C 133 3.34 2.38 3.32
N THR C 134 3.79 1.15 3.16
CA THR C 134 4.42 0.72 1.92
C THR C 134 3.40 0.06 0.99
N ILE C 135 3.86 -0.29 -0.20
CA ILE C 135 3.08 -1.08 -1.15
C ILE C 135 4.01 -2.09 -1.80
N LYS C 136 3.42 -3.14 -2.36
CA LYS C 136 4.14 -4.15 -3.13
C LYS C 136 3.73 -3.97 -4.59
N GLY C 137 4.58 -3.31 -5.36
CA GLY C 137 4.36 -3.15 -6.79
C GLY C 137 5.51 -3.71 -7.59
N SER C 138 5.81 -3.10 -8.73
CA SER C 138 6.97 -3.47 -9.53
C SER C 138 7.60 -2.19 -10.05
N PHE C 139 8.71 -1.78 -9.44
CA PHE C 139 9.38 -0.54 -9.76
C PHE C 139 10.86 -0.82 -10.05
N ILE C 140 11.36 -0.21 -11.11
CA ILE C 140 12.78 -0.30 -11.45
C ILE C 140 13.33 1.12 -11.57
N ALA C 141 14.57 1.23 -12.04
CA ALA C 141 15.17 2.55 -12.21
C ALA C 141 14.39 3.36 -13.24
N GLY C 142 14.24 4.66 -12.96
CA GLY C 142 13.50 5.54 -13.83
C GLY C 142 12.00 5.55 -13.63
N THR C 143 11.48 4.83 -12.62
CA THR C 143 10.05 4.74 -12.38
C THR C 143 9.59 5.63 -11.24
N CYS C 144 10.51 6.29 -10.54
CA CYS C 144 10.12 7.25 -9.52
C CYS C 144 9.37 8.42 -10.15
N GLY C 145 8.38 8.93 -9.43
CA GLY C 145 7.44 9.87 -10.00
C GLY C 145 6.23 9.24 -10.63
N SER C 146 6.21 7.91 -10.76
CA SER C 146 5.01 7.22 -11.20
C SER C 146 3.86 7.50 -10.23
N VAL C 147 2.67 7.65 -10.77
CA VAL C 147 1.56 8.27 -10.06
C VAL C 147 0.59 7.19 -9.59
N GLY C 148 0.17 7.30 -8.33
CA GLY C 148 -0.93 6.51 -7.81
C GLY C 148 -2.19 7.35 -7.79
N TYR C 149 -3.28 6.76 -8.27
CA TYR C 149 -4.55 7.47 -8.37
C TYR C 149 -5.71 6.57 -7.98
N VAL C 150 -6.81 7.20 -7.61
CA VAL C 150 -8.06 6.52 -7.31
C VAL C 150 -9.20 7.42 -7.77
N SER C 151 -10.31 6.80 -8.18
CA SER C 151 -11.46 7.53 -8.72
C SER C 151 -12.70 7.06 -7.98
N GLU C 152 -13.35 7.99 -7.28
CA GLU C 152 -14.57 7.70 -6.53
C GLU C 152 -15.65 8.69 -6.91
N ASN C 153 -16.82 8.18 -7.30
CA ASN C 153 -17.98 9.00 -7.64
C ASN C 153 -17.61 10.07 -8.68
N ALA C 154 -16.92 9.62 -9.73
CA ALA C 154 -16.51 10.46 -10.86
C ALA C 154 -15.57 11.59 -10.43
N THR C 155 -14.81 11.38 -9.36
CA THR C 155 -13.81 12.33 -8.90
C THR C 155 -12.44 11.67 -8.93
N LEU C 156 -11.49 12.29 -9.63
CA LEU C 156 -10.15 11.74 -9.78
C LEU C 156 -9.28 12.22 -8.63
N TYR C 157 -8.72 11.28 -7.88
CA TYR C 157 -7.84 11.59 -6.75
C TYR C 157 -6.43 11.11 -7.08
N PHE C 158 -5.47 12.03 -6.98
CA PHE C 158 -4.05 11.66 -6.99
C PHE C 158 -3.61 11.41 -5.55
N VAL C 159 -3.02 10.25 -5.30
CA VAL C 159 -2.81 9.81 -3.92
C VAL C 159 -1.37 9.37 -3.66
N TYR C 160 -0.59 9.15 -4.72
CA TYR C 160 0.70 8.49 -4.55
C TYR C 160 1.69 8.96 -5.60
N MET C 161 2.94 9.13 -5.18
CA MET C 161 4.08 9.37 -6.06
C MET C 161 5.26 8.56 -5.55
N HIS C 162 5.84 7.74 -6.42
CA HIS C 162 6.84 6.75 -6.00
C HIS C 162 8.21 7.38 -5.76
N HIS C 163 8.90 6.91 -4.73
CA HIS C 163 10.20 7.47 -4.32
C HIS C 163 11.31 6.43 -4.21
N LEU C 164 11.08 5.28 -3.61
CA LEU C 164 12.19 4.39 -3.32
C LEU C 164 11.68 2.98 -3.03
N GLU C 165 12.62 2.05 -3.00
CA GLU C 165 12.38 0.66 -2.64
C GLU C 165 13.22 0.34 -1.43
N LEU C 166 12.58 -0.14 -0.36
CA LEU C 166 13.31 -0.54 0.83
C LEU C 166 14.11 -1.82 0.55
N GLY C 167 15.03 -2.12 1.47
CA GLY C 167 15.87 -3.30 1.30
C GLY C 167 15.09 -4.58 1.22
N ASN C 168 13.91 -4.63 1.86
CA ASN C 168 13.07 -5.81 1.86
C ASN C 168 12.17 -5.90 0.63
N GLY C 169 12.31 -4.99 -0.32
CA GLY C 169 11.52 -5.01 -1.54
C GLY C 169 10.25 -4.19 -1.50
N SER C 170 9.85 -3.69 -0.34
CA SER C 170 8.65 -2.87 -0.25
C SER C 170 8.88 -1.51 -0.91
N HIS C 171 7.81 -0.96 -1.47
CA HIS C 171 7.89 0.26 -2.26
C HIS C 171 7.28 1.42 -1.48
N VAL C 172 7.98 2.55 -1.47
CA VAL C 172 7.67 3.69 -0.61
C VAL C 172 7.41 4.91 -1.48
N GLY C 173 6.36 5.66 -1.15
CA GLY C 173 6.02 6.85 -1.89
C GLY C 173 5.40 7.89 -0.99
N SER C 174 5.16 9.06 -1.56
CA SER C 174 4.53 10.16 -0.85
C SER C 174 3.14 10.43 -1.41
N ASN C 175 2.33 11.13 -0.63
CA ASN C 175 1.15 11.74 -1.20
C ASN C 175 1.57 12.96 -2.02
N LEU C 176 0.59 13.62 -2.63
CA LEU C 176 0.94 14.75 -3.48
C LEU C 176 1.28 16.01 -2.69
N GLU C 177 1.08 15.99 -1.36
CA GLU C 177 1.47 17.12 -0.54
C GLU C 177 2.94 17.07 -0.13
N GLY C 178 3.60 15.92 -0.29
CA GLY C 178 4.99 15.79 0.07
C GLY C 178 5.27 15.02 1.34
N GLU C 179 4.27 14.39 1.94
CA GLU C 179 4.46 13.59 3.15
C GLU C 179 4.65 12.14 2.74
N MET C 180 5.82 11.58 3.07
CA MET C 180 6.12 10.21 2.71
C MET C 180 5.25 9.25 3.52
N TYR C 181 4.59 8.32 2.83
CA TYR C 181 3.81 7.30 3.51
C TYR C 181 4.71 6.47 4.40
N GLY C 182 4.27 6.24 5.64
CA GLY C 182 5.06 5.50 6.60
C GLY C 182 6.16 6.30 7.28
N GLY C 183 6.31 7.58 6.95
CA GLY C 183 7.31 8.40 7.61
C GLY C 183 8.74 8.09 7.22
N TYR C 184 8.96 7.47 6.07
CA TYR C 184 10.32 7.15 5.64
C TYR C 184 10.99 8.37 5.03
N GLU C 185 12.32 8.39 5.11
CA GLU C 185 13.10 9.48 4.55
C GLU C 185 13.52 9.14 3.12
N ASP C 186 13.61 10.18 2.28
CA ASP C 186 14.07 10.01 0.90
C ASP C 186 15.59 10.08 0.86
N GLN C 187 16.21 9.04 1.41
CA GLN C 187 17.65 8.89 1.48
C GLN C 187 18.02 7.46 1.13
N PRO C 188 19.18 7.25 0.51
CA PRO C 188 19.65 5.88 0.22
C PRO C 188 20.11 5.16 1.48
N SER C 189 19.20 4.97 2.41
CA SER C 189 19.57 4.51 3.73
C SER C 189 19.54 2.99 3.78
N MET C 190 19.39 2.44 4.99
CA MET C 190 19.03 1.04 5.21
C MET C 190 17.88 0.96 6.19
N GLN C 191 16.96 1.93 6.12
CA GLN C 191 15.82 1.95 7.04
C GLN C 191 14.97 0.69 6.86
N LEU C 192 14.36 0.26 7.94
CA LEU C 192 13.58 -0.97 7.96
C LEU C 192 12.10 -0.65 7.95
N GLU C 193 11.33 -1.52 7.29
CA GLU C 193 9.89 -1.33 7.21
C GLU C 193 9.20 -1.67 8.54
N GLY C 194 9.72 -2.65 9.26
CA GLY C 194 9.03 -3.20 10.39
C GLY C 194 8.23 -4.44 10.02
N THR C 195 7.84 -5.21 11.03
CA THR C 195 7.10 -6.43 10.78
C THR C 195 5.73 -6.10 10.16
N ASN C 196 5.48 -6.68 9.00
CA ASN C 196 4.23 -6.43 8.28
C ASN C 196 3.09 -7.20 8.95
N VAL C 197 1.97 -6.52 9.17
CA VAL C 197 0.76 -7.12 9.72
C VAL C 197 -0.24 -7.30 8.59
N MET C 198 -0.74 -8.52 8.42
CA MET C 198 -1.61 -8.84 7.30
C MET C 198 -3.03 -8.35 7.56
N SER C 199 -3.64 -7.75 6.55
CA SER C 199 -5.00 -7.24 6.66
C SER C 199 -5.98 -8.40 6.74
N SER C 200 -6.56 -8.62 7.92
CA SER C 200 -7.49 -9.74 8.10
C SER C 200 -8.76 -9.52 7.31
N ASP C 201 -9.26 -8.28 7.27
CA ASP C 201 -10.44 -7.98 6.46
C ASP C 201 -10.24 -8.34 5.00
N ASN C 202 -9.00 -8.30 4.52
CA ASN C 202 -8.71 -8.54 3.11
C ASN C 202 -8.48 -10.01 2.80
N VAL C 203 -7.99 -10.79 3.76
CA VAL C 203 -7.83 -12.22 3.54
C VAL C 203 -9.16 -12.94 3.65
N VAL C 204 -10.05 -12.50 4.56
CA VAL C 204 -11.37 -13.11 4.63
C VAL C 204 -12.16 -12.86 3.36
N ALA C 205 -11.97 -11.69 2.74
CA ALA C 205 -12.57 -11.43 1.44
C ALA C 205 -11.86 -12.23 0.35
N PHE C 206 -10.55 -12.47 0.53
CA PHE C 206 -9.81 -13.30 -0.42
C PHE C 206 -10.34 -14.73 -0.43
N LEU C 207 -10.58 -15.29 0.75
CA LEU C 207 -11.07 -16.67 0.81
C LEU C 207 -12.52 -16.76 0.38
N TYR C 208 -13.28 -15.66 0.49
CA TYR C 208 -14.64 -15.66 -0.03
C TYR C 208 -14.65 -15.79 -1.54
N ALA C 209 -13.68 -15.16 -2.22
CA ALA C 209 -13.55 -15.35 -3.65
C ALA C 209 -13.11 -16.77 -3.99
N ALA C 210 -12.33 -17.41 -3.12
CA ALA C 210 -11.97 -18.81 -3.32
C ALA C 210 -13.20 -19.71 -3.31
N LEU C 211 -14.18 -19.38 -2.46
CA LEU C 211 -15.38 -20.20 -2.35
C LEU C 211 -16.31 -19.99 -3.54
N ILE C 212 -16.56 -18.73 -3.89
CA ILE C 212 -17.37 -18.42 -5.07
C ILE C 212 -16.69 -18.92 -6.34
N ASN C 213 -15.40 -19.24 -6.26
CA ASN C 213 -14.68 -19.88 -7.37
C ASN C 213 -14.78 -21.39 -7.33
N GLY C 214 -15.39 -21.97 -6.29
CA GLY C 214 -15.58 -23.40 -6.19
C GLY C 214 -14.62 -24.10 -5.25
N GLU C 215 -13.47 -23.49 -4.95
CA GLU C 215 -12.50 -24.10 -4.06
C GLU C 215 -12.98 -23.98 -2.62
N ARG C 216 -12.94 -25.10 -1.87
CA ARG C 216 -13.45 -25.09 -0.51
C ARG C 216 -12.72 -26.06 0.41
N TRP C 217 -11.48 -26.45 0.10
CA TRP C 217 -10.78 -27.43 0.93
C TRP C 217 -10.35 -26.86 2.27
N PHE C 218 -10.34 -25.54 2.43
CA PHE C 218 -9.91 -24.91 3.67
C PHE C 218 -11.07 -24.58 4.61
N VAL C 219 -12.30 -24.58 4.12
CA VAL C 219 -13.45 -24.24 4.95
C VAL C 219 -14.18 -25.51 5.37
N THR C 222 -13.33 -26.61 12.71
CA THR C 222 -14.67 -26.07 12.91
C THR C 222 -14.73 -24.59 12.58
N SER C 223 -15.02 -23.77 13.59
CA SER C 223 -15.08 -22.32 13.44
C SER C 223 -14.43 -21.67 14.64
N MET C 224 -14.22 -20.36 14.54
CA MET C 224 -13.57 -19.61 15.61
C MET C 224 -14.22 -18.24 15.74
N SER C 225 -14.34 -17.77 16.97
CA SER C 225 -14.88 -16.45 17.26
C SER C 225 -13.74 -15.44 17.38
N LEU C 226 -14.06 -14.26 17.92
CA LEU C 226 -13.05 -13.23 18.12
C LEU C 226 -12.27 -13.47 19.41
N TYR C 229 -10.30 -15.08 17.34
CA TYR C 229 -9.25 -14.82 16.35
C TYR C 229 -8.58 -13.47 16.60
N ASN C 230 -9.35 -12.52 17.14
CA ASN C 230 -8.82 -11.19 17.42
C ASN C 230 -7.72 -11.21 18.47
N THR C 231 -7.72 -12.18 19.37
CA THR C 231 -6.61 -12.34 20.30
C THR C 231 -5.42 -13.02 19.64
N TRP C 232 -5.68 -13.92 18.69
CA TRP C 232 -4.60 -14.59 17.96
C TRP C 232 -3.93 -13.65 16.98
N ALA C 233 -4.66 -12.63 16.49
CA ALA C 233 -4.12 -11.76 15.47
C ALA C 233 -3.05 -10.83 16.03
N LYS C 234 -3.21 -10.35 17.26
CA LYS C 234 -2.21 -9.51 17.88
C LYS C 234 -0.95 -10.28 18.25
N THR C 235 -1.07 -11.58 18.44
CA THR C 235 0.06 -12.45 18.76
C THR C 235 0.69 -13.04 17.50
N ASN C 236 0.04 -12.87 16.33
CA ASN C 236 0.57 -13.46 15.10
C ASN C 236 0.65 -12.45 13.95
N SER C 237 0.71 -11.15 14.23
CA SER C 237 0.90 -10.13 13.20
C SER C 237 -0.21 -10.18 12.14
N PHE C 238 -1.45 -10.21 12.60
CA PHE C 238 -2.62 -10.01 11.76
C PHE C 238 -3.45 -8.89 12.35
N THR C 239 -4.14 -8.14 11.50
CA THR C 239 -4.96 -7.06 12.02
C THR C 239 -6.15 -7.62 12.81
N GLU C 240 -6.68 -6.78 13.68
CA GLU C 240 -7.86 -7.13 14.46
C GLU C 240 -9.11 -6.76 13.68
N LEU C 241 -10.01 -7.72 13.51
CA LEU C 241 -11.22 -7.49 12.73
C LEU C 241 -12.20 -6.61 13.50
N SER C 242 -12.65 -5.54 12.85
CA SER C 242 -13.60 -4.62 13.47
C SER C 242 -14.99 -5.25 13.57
N THR C 244 -18.30 -7.91 11.81
CA THR C 244 -18.56 -8.91 10.78
C THR C 244 -19.62 -8.42 9.79
N ASP C 245 -19.85 -7.10 9.79
CA ASP C 245 -20.88 -6.52 8.95
C ASP C 245 -20.43 -6.31 7.51
N ALA C 246 -19.14 -6.41 7.22
CA ALA C 246 -18.66 -6.16 5.86
C ALA C 246 -19.00 -7.31 4.93
N PHE C 247 -18.87 -8.55 5.42
CA PHE C 247 -19.10 -9.74 4.61
C PHE C 247 -20.46 -10.38 4.91
N SER C 248 -21.44 -9.56 5.27
CA SER C 248 -22.78 -10.09 5.46
C SER C 248 -23.41 -10.49 4.13
N MET C 249 -23.24 -9.67 3.08
CA MET C 249 -23.76 -10.04 1.77
C MET C 249 -22.95 -11.18 1.16
N LEU C 250 -21.68 -11.31 1.53
CA LEU C 250 -20.88 -12.44 1.09
C LEU C 250 -21.22 -13.71 1.86
N ALA C 251 -21.61 -13.58 3.13
CA ALA C 251 -22.05 -14.74 3.90
C ALA C 251 -23.35 -15.33 3.36
N ALA C 252 -24.16 -14.54 2.67
CA ALA C 252 -25.38 -15.06 2.08
C ALA C 252 -25.09 -15.93 0.86
N LYS C 253 -24.45 -15.34 -0.15
CA LYS C 253 -24.20 -16.06 -1.40
C LYS C 253 -23.21 -17.20 -1.24
N THR C 254 -22.33 -17.13 -0.24
CA THR C 254 -21.39 -18.22 0.02
C THR C 254 -21.93 -19.24 1.02
N GLY C 255 -22.78 -18.81 1.94
CA GLY C 255 -23.40 -19.73 2.88
C GLY C 255 -22.54 -20.15 4.04
N GLN C 256 -21.49 -19.40 4.37
CA GLN C 256 -20.62 -19.72 5.49
C GLN C 256 -20.26 -18.44 6.22
N SER C 257 -19.96 -18.58 7.51
CA SER C 257 -19.79 -17.43 8.38
C SER C 257 -18.38 -16.83 8.26
N VAL C 258 -18.29 -15.55 8.62
CA VAL C 258 -16.98 -14.93 8.83
C VAL C 258 -16.23 -15.69 9.92
N GLU C 259 -16.95 -16.17 10.93
CA GLU C 259 -16.34 -16.89 12.04
C GLU C 259 -15.90 -18.30 11.64
N LYS C 260 -16.41 -18.84 10.53
CA LYS C 260 -15.93 -20.12 10.04
C LYS C 260 -14.61 -19.97 9.28
N LEU C 261 -14.36 -18.79 8.71
CA LEU C 261 -13.11 -18.54 8.01
C LEU C 261 -12.04 -17.95 8.92
N LEU C 262 -12.42 -17.36 10.05
CA LEU C 262 -11.42 -16.89 11.01
C LEU C 262 -10.57 -18.03 11.50
N ASP C 263 -11.14 -19.22 11.64
CA ASP C 263 -10.35 -20.42 11.92
C ASP C 263 -9.64 -20.92 10.68
N SER C 264 -10.23 -20.69 9.50
CA SER C 264 -9.57 -21.10 8.26
C SER C 264 -8.28 -20.31 8.03
N ILE C 265 -8.23 -19.05 8.47
CA ILE C 265 -7.02 -18.26 8.36
C ILE C 265 -5.95 -18.80 9.30
N VAL C 266 -6.34 -19.11 10.54
CA VAL C 266 -5.39 -19.62 11.53
C VAL C 266 -4.75 -20.92 11.05
N ARG C 267 -5.54 -21.79 10.43
CA ARG C 267 -5.02 -23.07 9.97
C ARG C 267 -4.04 -22.89 8.82
N LEU C 268 -4.42 -22.09 7.81
CA LEU C 268 -3.54 -21.88 6.67
C LEU C 268 -2.31 -21.05 7.03
N ASN C 269 -2.37 -20.29 8.12
CA ASN C 269 -1.26 -19.44 8.55
C ASN C 269 0.01 -20.25 8.79
N PHE C 272 -0.54 -24.18 3.95
CA PHE C 272 -1.37 -24.47 2.78
C PHE C 272 -1.27 -25.93 2.38
N THR C 276 -2.80 -24.95 -2.87
CA THR C 276 -2.87 -23.54 -3.21
C THR C 276 -4.30 -23.04 -3.21
N ILE C 277 -4.47 -21.71 -3.21
CA ILE C 277 -5.78 -21.07 -3.20
C ILE C 277 -5.77 -19.98 -4.27
N LEU C 278 -6.49 -20.22 -5.36
CA LEU C 278 -6.52 -19.31 -6.51
C LEU C 278 -5.11 -18.99 -7.00
N TYR C 280 -2.27 -18.89 -5.55
CA TYR C 280 -1.48 -18.46 -4.41
C TYR C 280 -1.16 -19.61 -3.48
N GLY C 281 0.11 -19.71 -3.08
CA GLY C 281 0.53 -20.63 -2.04
C GLY C 281 0.57 -19.99 -0.66
N SER C 282 0.13 -18.75 -0.52
CA SER C 282 0.15 -18.03 0.75
C SER C 282 -1.12 -17.19 0.86
N LEU C 283 -1.41 -16.76 2.08
CA LEU C 283 -2.56 -15.90 2.30
C LEU C 283 -2.30 -14.52 1.69
N CYS C 284 -3.35 -13.93 1.12
CA CYS C 284 -3.23 -12.70 0.35
C CYS C 284 -4.22 -11.67 0.90
N ASP C 285 -3.70 -10.50 1.25
CA ASP C 285 -4.50 -9.41 1.82
C ASP C 285 -4.58 -8.20 0.90
N GLU C 286 -4.62 -8.44 -0.41
CA GLU C 286 -4.55 -7.35 -1.39
C GLU C 286 -5.93 -6.86 -1.84
N PHE C 287 -7.00 -7.60 -1.54
CA PHE C 287 -8.34 -7.24 -1.99
C PHE C 287 -9.19 -6.84 -0.80
N THR C 288 -9.80 -5.66 -0.87
CA THR C 288 -10.74 -5.23 0.15
C THR C 288 -12.11 -5.84 -0.08
N PRO C 289 -12.94 -5.93 0.96
CA PRO C 289 -14.30 -6.46 0.76
C PRO C 289 -15.11 -5.74 -0.31
N THR C 290 -15.08 -4.40 -0.34
CA THR C 290 -15.79 -3.69 -1.39
C THR C 290 -15.18 -3.95 -2.76
N GLU C 291 -13.87 -4.23 -2.81
CA GLU C 291 -13.22 -4.54 -4.07
C GLU C 291 -13.78 -5.82 -4.67
N VAL C 292 -13.86 -6.89 -3.86
CA VAL C 292 -14.42 -8.13 -4.36
C VAL C 292 -15.93 -8.06 -4.48
N ILE C 293 -16.57 -7.08 -3.83
CA ILE C 293 -18.01 -6.90 -3.99
C ILE C 293 -18.33 -6.41 -5.39
N ARG C 294 -17.70 -5.29 -5.80
CA ARG C 294 -17.92 -4.76 -7.13
C ARG C 294 -17.27 -5.62 -8.21
N GLN C 295 -16.36 -6.52 -7.83
CA GLN C 295 -15.75 -7.44 -8.79
C GLN C 295 -16.60 -8.69 -8.99
N MET C 296 -17.31 -9.14 -7.96
CA MET C 296 -18.13 -10.34 -8.06
C MET C 296 -19.55 -10.03 -8.53
N TYR C 297 -20.13 -8.90 -8.11
CA TYR C 297 -21.52 -8.60 -8.40
C TYR C 297 -21.71 -7.20 -8.98
N GLY C 298 -20.66 -6.59 -9.51
CA GLY C 298 -20.80 -5.33 -10.22
C GLY C 298 -21.33 -4.22 -9.31
N VAL C 299 -22.42 -3.58 -9.76
CA VAL C 299 -23.05 -2.49 -9.04
C VAL C 299 -22.05 -1.36 -8.78
N ARG D 4 20.65 -17.77 29.24
CA ARG D 4 21.54 -16.78 28.64
C ARG D 4 22.24 -17.33 27.40
N LYS D 5 22.10 -16.64 26.28
CA LYS D 5 22.91 -16.96 25.11
C LYS D 5 24.34 -16.54 25.37
N MET D 6 25.28 -17.48 25.19
CA MET D 6 26.66 -17.27 25.57
C MET D 6 27.58 -17.48 24.38
N ALA D 7 28.82 -17.02 24.53
CA ALA D 7 29.85 -17.17 23.53
C ALA D 7 31.11 -17.73 24.18
N GLN D 8 31.82 -18.56 23.43
CA GLN D 8 33.10 -19.06 23.91
C GLN D 8 34.12 -17.92 23.93
N PRO D 9 35.14 -18.01 24.79
CA PRO D 9 36.10 -16.90 24.91
C PRO D 9 36.79 -16.60 23.59
N SER D 10 37.19 -15.34 23.42
CA SER D 10 37.66 -14.82 22.15
C SER D 10 39.16 -14.58 22.11
N GLY D 11 39.90 -15.04 23.13
CA GLY D 11 41.29 -14.66 23.27
C GLY D 11 42.18 -15.08 22.11
N LEU D 12 41.91 -16.25 21.52
CA LEU D 12 42.74 -16.75 20.43
C LEU D 12 42.43 -16.08 19.11
N VAL D 13 41.25 -15.48 18.95
CA VAL D 13 40.84 -14.90 17.68
C VAL D 13 41.19 -13.42 17.61
N GLU D 14 41.10 -12.71 18.73
CA GLU D 14 41.38 -11.28 18.77
C GLU D 14 42.69 -10.87 18.10
N PRO D 15 43.83 -11.52 18.34
CA PRO D 15 45.08 -11.05 17.73
C PRO D 15 45.17 -11.24 16.22
N CYS D 16 44.19 -11.88 15.59
CA CYS D 16 44.22 -12.14 14.16
C CYS D 16 43.39 -11.15 13.34
N ILE D 17 42.69 -10.24 14.00
CA ILE D 17 41.80 -9.29 13.32
C ILE D 17 42.63 -8.09 12.87
N VAL D 18 42.51 -7.74 11.59
CA VAL D 18 43.23 -6.61 11.01
C VAL D 18 42.24 -5.69 10.31
N ARG D 19 42.65 -4.43 10.16
CA ARG D 19 41.87 -3.45 9.41
C ARG D 19 42.29 -3.52 7.95
N VAL D 20 41.32 -3.78 7.07
CA VAL D 20 41.56 -3.88 5.64
C VAL D 20 40.72 -2.83 4.94
N SER D 21 41.37 -1.92 4.22
CA SER D 21 40.69 -0.87 3.49
C SER D 21 41.21 -0.80 2.06
N TYR D 22 40.30 -0.53 1.12
CA TYR D 22 40.65 -0.39 -0.29
C TYR D 22 39.65 0.59 -0.90
N GLY D 23 40.13 1.77 -1.26
CA GLY D 23 39.24 2.79 -1.81
C GLY D 23 38.33 3.35 -0.72
N ASN D 24 37.03 3.31 -0.98
CA ASN D 24 36.05 3.79 -0.01
C ASN D 24 35.68 2.74 1.03
N ASN D 25 36.10 1.49 0.84
CA ASN D 25 35.63 0.37 1.66
C ASN D 25 36.62 0.10 2.79
N VAL D 26 36.10 0.02 4.01
CA VAL D 26 36.88 -0.32 5.20
C VAL D 26 36.15 -1.43 5.92
N LEU D 27 36.85 -2.55 6.13
CA LEU D 27 36.24 -3.70 6.82
C LEU D 27 37.33 -4.46 7.57
N ASN D 28 37.08 -5.74 7.84
CA ASN D 28 37.94 -6.56 8.67
C ASN D 28 38.56 -7.69 7.85
N GLY D 29 39.70 -8.18 8.34
CA GLY D 29 40.36 -9.31 7.74
C GLY D 29 40.89 -10.25 8.79
N LEU D 30 41.08 -11.51 8.40
CA LEU D 30 41.58 -12.56 9.28
C LEU D 30 43.03 -12.85 8.92
N TRP D 31 43.95 -12.49 9.82
CA TRP D 31 45.38 -12.57 9.57
C TRP D 31 45.91 -13.86 10.20
N LEU D 32 46.16 -14.86 9.36
CA LEU D 32 46.72 -16.13 9.79
C LEU D 32 47.98 -16.42 8.98
N GLY D 33 49.09 -16.66 9.67
CA GLY D 33 50.35 -16.82 8.97
C GLY D 33 50.69 -15.52 8.25
N ASP D 34 51.07 -15.64 6.97
CA ASP D 34 51.33 -14.48 6.12
C ASP D 34 50.18 -14.21 5.16
N GLU D 35 48.96 -14.62 5.53
CA GLU D 35 47.78 -14.44 4.68
C GLU D 35 46.70 -13.71 5.44
N VAL D 36 45.98 -12.84 4.74
CA VAL D 36 44.82 -12.14 5.27
C VAL D 36 43.62 -12.51 4.41
N ILE D 37 42.60 -13.08 5.04
CA ILE D 37 41.36 -13.42 4.37
C ILE D 37 40.33 -12.34 4.69
N CYS D 38 39.73 -11.77 3.65
CA CYS D 38 38.78 -10.69 3.79
C CYS D 38 37.66 -10.90 2.77
N PRO D 39 36.52 -10.24 2.97
CA PRO D 39 35.48 -10.27 1.93
C PRO D 39 35.97 -9.61 0.66
N ARG D 40 35.82 -10.31 -0.47
CA ARG D 40 36.35 -9.82 -1.73
C ARG D 40 35.66 -8.55 -2.21
N HIS D 41 34.51 -8.18 -1.64
CA HIS D 41 33.85 -6.95 -2.07
C HIS D 41 34.55 -5.69 -1.56
N VAL D 42 35.67 -5.84 -0.83
CA VAL D 42 36.45 -4.68 -0.40
C VAL D 42 37.10 -3.95 -1.55
N ILE D 43 37.34 -4.64 -2.67
CA ILE D 43 37.97 -4.02 -3.84
C ILE D 43 36.94 -3.56 -4.86
N ALA D 44 35.66 -3.57 -4.51
CA ALA D 44 34.62 -3.06 -5.39
C ALA D 44 34.66 -1.55 -5.43
N SER D 45 34.71 -0.98 -6.64
CA SER D 45 34.72 0.47 -6.78
C SER D 45 33.41 1.10 -6.32
N ASP D 46 32.31 0.35 -6.34
CA ASP D 46 31.01 0.86 -5.88
C ASP D 46 30.21 -0.34 -5.37
N THR D 47 30.14 -0.50 -4.05
CA THR D 47 29.42 -1.61 -3.46
C THR D 47 27.92 -1.42 -3.50
N THR D 48 27.43 -0.24 -3.86
CA THR D 48 25.99 0.00 -3.94
C THR D 48 25.39 -0.43 -5.28
N ARG D 49 26.23 -0.70 -6.29
CA ARG D 49 25.78 -1.14 -7.60
C ARG D 49 26.44 -2.48 -7.94
N VAL D 50 25.91 -3.12 -9.00
CA VAL D 50 26.37 -4.44 -9.37
C VAL D 50 27.87 -4.43 -9.63
N ILE D 51 28.54 -5.50 -9.22
CA ILE D 51 30.00 -5.60 -9.26
C ILE D 51 30.39 -6.67 -10.27
N ASN D 52 31.33 -6.33 -11.15
CA ASN D 52 31.99 -7.30 -12.02
C ASN D 52 33.34 -7.60 -11.37
N TYR D 53 33.40 -8.72 -10.65
CA TYR D 53 34.58 -9.01 -9.84
C TYR D 53 35.81 -9.31 -10.67
N GLU D 54 35.64 -9.73 -11.93
CA GLU D 54 36.78 -9.95 -12.81
C GLU D 54 37.37 -8.64 -13.31
N ASN D 55 36.54 -7.61 -13.46
CA ASN D 55 37.06 -6.28 -13.80
C ASN D 55 37.85 -5.68 -12.64
N GLU D 56 37.32 -5.79 -11.42
CA GLU D 56 38.00 -5.23 -10.27
C GLU D 56 39.33 -5.94 -10.01
N MET D 57 39.36 -7.26 -10.18
CA MET D 57 40.61 -7.99 -10.02
C MET D 57 41.58 -7.69 -11.16
N SER D 58 41.07 -7.38 -12.35
CA SER D 58 41.94 -7.00 -13.45
C SER D 58 42.57 -5.64 -13.21
N SER D 59 41.86 -4.73 -12.55
CA SER D 59 42.35 -3.39 -12.26
C SER D 59 42.90 -3.27 -10.84
N VAL D 60 43.07 -4.39 -10.13
CA VAL D 60 43.53 -4.33 -8.75
C VAL D 60 44.97 -3.82 -8.73
N ARG D 61 45.24 -2.88 -7.84
CA ARG D 61 46.58 -2.35 -7.61
C ARG D 61 46.95 -2.64 -6.17
N LEU D 62 47.93 -3.53 -5.98
CA LEU D 62 48.24 -4.02 -4.64
C LEU D 62 48.68 -2.90 -3.70
N HIS D 63 49.26 -1.83 -4.24
CA HIS D 63 49.73 -0.73 -3.42
C HIS D 63 48.60 0.14 -2.89
N ASN D 64 47.37 -0.07 -3.35
CA ASN D 64 46.22 0.69 -2.84
C ASN D 64 45.58 0.06 -1.62
N PHE D 65 45.99 -1.15 -1.25
CA PHE D 65 45.47 -1.78 -0.04
C PHE D 65 46.02 -1.10 1.21
N SER D 66 45.29 -1.22 2.30
CA SER D 66 45.74 -0.79 3.62
C SER D 66 45.37 -1.89 4.61
N VAL D 67 46.34 -2.71 4.99
CA VAL D 67 46.16 -3.79 5.94
C VAL D 67 47.02 -3.48 7.16
N SER D 68 46.40 -3.48 8.34
CA SER D 68 47.11 -3.03 9.53
C SER D 68 46.55 -3.70 10.78
N LYS D 69 47.42 -3.84 11.77
CA LYS D 69 47.05 -4.32 13.10
C LYS D 69 47.84 -3.50 14.11
N ASN D 70 47.15 -2.68 14.89
CA ASN D 70 47.76 -1.74 15.84
C ASN D 70 48.63 -0.78 15.04
N ASN D 71 49.94 -0.71 15.30
CA ASN D 71 50.83 0.17 14.57
C ASN D 71 51.62 -0.56 13.47
N VAL D 72 51.23 -1.79 13.16
CA VAL D 72 51.89 -2.56 12.11
C VAL D 72 51.15 -2.33 10.80
N PHE D 73 51.88 -1.94 9.76
CA PHE D 73 51.33 -1.84 8.42
C PHE D 73 51.76 -3.06 7.62
N LEU D 74 50.78 -3.78 7.08
CA LEU D 74 51.02 -5.06 6.40
C LEU D 74 50.96 -4.83 4.90
N GLY D 75 52.13 -4.75 4.27
CA GLY D 75 52.18 -4.57 2.83
C GLY D 75 51.69 -5.82 2.11
N VAL D 76 50.83 -5.63 1.12
CA VAL D 76 50.24 -6.73 0.37
C VAL D 76 51.17 -7.07 -0.80
N VAL D 77 51.61 -8.33 -0.86
CA VAL D 77 52.45 -8.78 -1.96
C VAL D 77 51.67 -9.53 -3.02
N SER D 78 50.43 -9.92 -2.75
CA SER D 78 49.69 -10.75 -3.70
C SER D 78 48.23 -10.81 -3.28
N ALA D 79 47.36 -11.03 -4.26
CA ALA D 79 45.92 -11.03 -4.03
C ALA D 79 45.24 -12.01 -4.99
N LYS D 80 44.42 -12.90 -4.44
CA LYS D 80 43.64 -13.85 -5.23
C LYS D 80 42.26 -14.00 -4.65
N TYR D 81 41.31 -14.35 -5.52
CA TYR D 81 39.99 -14.76 -5.08
C TYR D 81 40.00 -16.22 -4.66
N LYS D 82 39.18 -16.55 -3.66
CA LYS D 82 38.83 -17.94 -3.35
C LYS D 82 37.36 -17.92 -2.98
N GLY D 83 36.50 -18.24 -3.95
CA GLY D 83 35.08 -18.04 -3.73
C GLY D 83 34.76 -16.57 -3.57
N VAL D 84 33.89 -16.25 -2.61
CA VAL D 84 33.54 -14.86 -2.33
C VAL D 84 34.56 -14.17 -1.44
N ASN D 85 35.65 -14.84 -1.09
CA ASN D 85 36.67 -14.26 -0.22
C ASN D 85 37.88 -13.81 -1.02
N LEU D 86 38.54 -12.77 -0.52
CA LEU D 86 39.81 -12.30 -1.05
C LEU D 86 40.92 -12.79 -0.13
N VAL D 87 41.96 -13.37 -0.72
CA VAL D 87 43.11 -13.88 0.03
C VAL D 87 44.32 -13.04 -0.34
N LEU D 88 44.85 -12.32 0.64
CA LEU D 88 46.01 -11.44 0.44
C LEU D 88 47.23 -12.06 1.12
N LYS D 89 48.32 -12.18 0.38
CA LYS D 89 49.61 -12.53 0.96
C LYS D 89 50.32 -11.26 1.37
N VAL D 90 50.72 -11.20 2.64
CA VAL D 90 51.29 -9.98 3.20
C VAL D 90 52.76 -10.23 3.56
N ASN D 91 53.49 -9.14 3.76
CA ASN D 91 54.93 -9.17 3.95
C ASN D 91 55.35 -9.54 5.38
N GLN D 92 54.44 -10.02 6.21
CA GLN D 92 54.79 -10.40 7.57
C GLN D 92 53.85 -11.46 8.09
N VAL D 93 54.42 -12.48 8.73
CA VAL D 93 53.64 -13.54 9.37
C VAL D 93 53.07 -13.01 10.68
N ASN D 94 51.85 -13.43 11.02
CA ASN D 94 51.28 -13.10 12.31
C ASN D 94 51.94 -13.93 13.40
N PRO D 95 52.71 -13.31 14.29
CA PRO D 95 53.38 -14.07 15.36
C PRO D 95 52.41 -14.66 16.37
N ASN D 96 51.13 -14.29 16.33
CA ASN D 96 50.13 -14.80 17.24
C ASN D 96 49.09 -15.66 16.53
N THR D 97 49.51 -16.39 15.50
CA THR D 97 48.62 -17.29 14.79
C THR D 97 48.33 -18.52 15.63
N PRO D 98 47.09 -18.73 16.08
CA PRO D 98 46.80 -19.90 16.91
C PRO D 98 46.58 -21.15 16.07
N GLU D 99 46.68 -22.29 16.72
CA GLU D 99 46.33 -23.55 16.09
C GLU D 99 44.86 -23.52 15.69
N HIS D 100 44.58 -23.83 14.42
CA HIS D 100 43.23 -23.65 13.91
C HIS D 100 42.97 -24.62 12.78
N LYS D 101 41.68 -24.92 12.58
CA LYS D 101 41.17 -25.65 11.44
C LYS D 101 40.00 -24.87 10.86
N PHE D 102 39.56 -25.28 9.67
CA PHE D 102 38.39 -24.70 9.04
C PHE D 102 37.25 -25.70 9.04
N LYS D 103 36.02 -25.18 9.05
CA LYS D 103 34.84 -26.01 9.19
C LYS D 103 33.61 -25.21 8.80
N SER D 104 32.60 -25.90 8.25
CA SER D 104 31.34 -25.29 7.90
C SER D 104 30.28 -25.61 8.96
N ILE D 105 29.29 -24.72 9.06
CA ILE D 105 28.25 -24.82 10.07
C ILE D 105 26.94 -25.19 9.38
N LYS D 106 26.23 -26.15 9.95
CA LYS D 106 24.93 -26.59 9.44
C LYS D 106 23.81 -25.90 10.19
N ALA D 107 22.61 -25.94 9.60
CA ALA D 107 21.46 -25.28 10.19
C ALA D 107 21.16 -25.83 11.58
N GLY D 108 20.69 -24.94 12.46
CA GLY D 108 20.42 -25.29 13.83
C GLY D 108 21.61 -25.31 14.75
N GLU D 109 22.82 -25.46 14.22
CA GLU D 109 24.04 -25.46 15.02
C GLU D 109 24.27 -24.07 15.61
N SER D 110 25.21 -24.01 16.55
CA SER D 110 25.58 -22.76 17.21
C SER D 110 27.07 -22.52 17.07
N PHE D 111 27.45 -21.25 16.99
CA PHE D 111 28.85 -20.85 17.02
C PHE D 111 28.94 -19.42 17.55
N ASN D 112 30.15 -18.89 17.58
CA ASN D 112 30.43 -17.59 18.18
C ASN D 112 30.80 -16.58 17.10
N ILE D 113 30.39 -15.34 17.30
CA ILE D 113 30.72 -14.23 16.40
C ILE D 113 31.56 -13.23 17.18
N LEU D 114 32.75 -12.93 16.66
CA LEU D 114 33.56 -11.83 17.17
C LEU D 114 33.31 -10.64 16.26
N ALA D 115 32.41 -9.75 16.69
CA ALA D 115 32.08 -8.57 15.90
C ALA D 115 33.23 -7.57 15.96
N CYS D 116 33.71 -7.14 14.79
CA CYS D 116 34.83 -6.23 14.68
C CYS D 116 34.43 -5.05 13.81
N TYR D 117 34.88 -3.86 14.18
CA TYR D 117 34.45 -2.60 13.55
C TYR D 117 35.68 -1.92 12.97
N GLU D 118 35.84 -2.03 11.64
CA GLU D 118 36.97 -1.43 10.92
C GLU D 118 38.30 -1.88 11.49
N GLY D 119 38.41 -3.19 11.77
CA GLY D 119 39.63 -3.76 12.28
C GLY D 119 39.73 -3.83 13.80
N CYS D 120 38.75 -3.32 14.52
CA CYS D 120 38.81 -3.28 15.97
C CYS D 120 37.79 -4.23 16.58
N PRO D 121 38.24 -5.31 17.24
CA PRO D 121 37.28 -6.20 17.91
C PRO D 121 36.53 -5.47 19.01
N GLY D 122 35.21 -5.59 18.99
CA GLY D 122 34.40 -4.84 19.92
C GLY D 122 33.42 -5.66 20.74
N SER D 123 32.98 -6.80 20.22
CA SER D 123 31.97 -7.59 20.91
C SER D 123 32.11 -9.05 20.53
N VAL D 124 31.56 -9.93 21.37
CA VAL D 124 31.49 -11.35 21.11
C VAL D 124 30.14 -11.86 21.60
N TYR D 125 29.51 -12.72 20.79
CA TYR D 125 28.20 -13.26 21.12
C TYR D 125 27.98 -14.55 20.33
N GLY D 126 27.11 -15.40 20.87
CA GLY D 126 26.82 -16.67 20.24
C GLY D 126 25.64 -16.57 19.28
N VAL D 127 25.71 -17.36 18.20
CA VAL D 127 24.72 -17.32 17.14
C VAL D 127 24.23 -18.74 16.86
N ASN D 128 23.25 -18.84 15.97
CA ASN D 128 22.69 -20.11 15.55
C ASN D 128 22.43 -20.06 14.06
N MET D 129 22.94 -21.04 13.32
CA MET D 129 22.76 -21.07 11.87
C MET D 129 21.30 -21.37 11.54
N ARG D 130 20.64 -20.42 10.87
CA ARG D 130 19.19 -20.50 10.66
C ARG D 130 18.78 -21.39 9.49
N SER D 131 17.54 -21.22 9.04
CA SER D 131 16.93 -22.02 7.99
C SER D 131 17.72 -21.99 6.68
N GLN D 132 17.73 -20.84 6.01
CA GLN D 132 18.33 -20.71 4.69
C GLN D 132 19.82 -20.44 4.74
N GLY D 133 20.52 -20.88 5.80
CA GLY D 133 21.92 -20.60 5.91
C GLY D 133 22.27 -19.23 6.41
N THR D 134 21.33 -18.55 7.07
CA THR D 134 21.56 -17.24 7.63
C THR D 134 21.80 -17.33 9.13
N ILE D 135 22.12 -16.18 9.73
CA ILE D 135 22.12 -16.03 11.19
C ILE D 135 21.48 -14.68 11.50
N LYS D 136 20.96 -14.57 12.72
CA LYS D 136 20.41 -13.32 13.22
C LYS D 136 21.38 -12.79 14.27
N GLY D 137 22.31 -11.94 13.83
CA GLY D 137 23.22 -11.27 14.73
C GLY D 137 22.88 -9.79 14.83
N SER D 138 23.90 -8.93 14.81
CA SER D 138 23.68 -7.48 14.82
C SER D 138 24.91 -6.83 14.19
N PHE D 139 24.91 -6.79 12.86
CA PHE D 139 26.00 -6.22 12.09
C PHE D 139 25.60 -4.86 11.52
N ILE D 140 26.57 -3.95 11.45
CA ILE D 140 26.34 -2.63 10.85
C ILE D 140 27.46 -2.37 9.85
N ALA D 141 27.54 -1.12 9.39
CA ALA D 141 28.59 -0.75 8.44
C ALA D 141 29.96 -0.91 9.10
N GLY D 142 30.89 -1.50 8.34
CA GLY D 142 32.24 -1.71 8.83
C GLY D 142 32.48 -3.02 9.56
N THR D 143 31.49 -3.90 9.65
CA THR D 143 31.63 -5.16 10.37
C THR D 143 31.85 -6.36 9.47
N CYS D 144 31.85 -6.16 8.15
CA CYS D 144 32.14 -7.26 7.24
C CYS D 144 33.57 -7.73 7.42
N GLY D 145 33.78 -9.04 7.32
CA GLY D 145 35.02 -9.64 7.75
C GLY D 145 35.02 -10.09 9.19
N SER D 146 33.97 -9.76 9.95
CA SER D 146 33.82 -10.30 11.29
C SER D 146 33.85 -11.83 11.25
N VAL D 147 34.52 -12.41 12.24
CA VAL D 147 34.93 -13.81 12.19
C VAL D 147 34.00 -14.63 13.07
N GLY D 148 33.53 -15.75 12.54
CA GLY D 148 32.83 -16.75 13.31
C GLY D 148 33.76 -17.91 13.64
N TYR D 149 33.66 -18.41 14.86
CA TYR D 149 34.55 -19.46 15.31
C TYR D 149 33.81 -20.38 16.28
N VAL D 150 34.31 -21.60 16.39
CA VAL D 150 33.79 -22.58 17.33
C VAL D 150 34.97 -23.39 17.87
N SER D 151 34.95 -23.66 19.18
CA SER D 151 36.00 -24.40 19.85
C SER D 151 35.43 -25.72 20.33
N GLU D 152 35.95 -26.82 19.78
CA GLU D 152 35.46 -28.17 20.08
C GLU D 152 36.64 -29.06 20.48
N ASN D 153 36.75 -29.34 21.78
CA ASN D 153 37.75 -30.26 22.32
C ASN D 153 39.17 -29.80 21.94
N ALA D 154 39.53 -28.65 22.50
CA ALA D 154 40.85 -28.03 22.35
C ALA D 154 41.16 -27.66 20.90
N THR D 155 40.18 -27.71 20.01
CA THR D 155 40.37 -27.36 18.61
C THR D 155 39.69 -26.04 18.30
N LEU D 156 40.44 -25.12 17.70
CA LEU D 156 39.89 -23.84 17.26
C LEU D 156 39.48 -23.96 15.80
N TYR D 157 38.21 -23.73 15.51
CA TYR D 157 37.68 -23.79 14.15
C TYR D 157 37.22 -22.41 13.74
N PHE D 158 37.75 -21.91 12.63
CA PHE D 158 37.21 -20.72 11.98
C PHE D 158 36.12 -21.17 11.02
N VAL D 159 34.90 -20.68 11.22
CA VAL D 159 33.73 -21.23 10.54
C VAL D 159 32.91 -20.17 9.81
N TYR D 160 33.24 -18.89 9.94
CA TYR D 160 32.35 -17.86 9.40
C TYR D 160 33.12 -16.55 9.20
N MET D 161 32.81 -15.88 8.10
CA MET D 161 33.28 -14.52 7.83
C MET D 161 32.11 -13.73 7.24
N HIS D 162 31.83 -12.55 7.80
CA HIS D 162 30.61 -11.83 7.48
C HIS D 162 30.72 -11.10 6.15
N HIS D 163 29.61 -11.08 5.41
CA HIS D 163 29.61 -10.51 4.07
C HIS D 163 28.49 -9.50 3.85
N LEU D 164 27.27 -9.82 4.28
CA LEU D 164 26.13 -9.00 3.88
C LEU D 164 24.94 -9.26 4.78
N GLU D 165 24.03 -8.29 4.80
CA GLU D 165 22.72 -8.41 5.45
C GLU D 165 21.64 -8.37 4.39
N LEU D 166 20.70 -9.30 4.46
CA LEU D 166 19.62 -9.37 3.49
C LEU D 166 18.58 -8.30 3.78
N GLY D 167 17.58 -8.21 2.88
CA GLY D 167 16.51 -7.25 3.06
C GLY D 167 15.64 -7.54 4.26
N ASN D 168 15.55 -8.81 4.66
CA ASN D 168 14.77 -9.21 5.82
C ASN D 168 15.58 -9.16 7.11
N GLY D 169 16.73 -8.50 7.10
CA GLY D 169 17.52 -8.30 8.30
C GLY D 169 18.39 -9.47 8.71
N SER D 170 18.29 -10.62 8.04
CA SER D 170 19.15 -11.74 8.35
C SER D 170 20.55 -11.51 7.77
N HIS D 171 21.53 -12.17 8.37
CA HIS D 171 22.93 -11.91 8.06
C HIS D 171 23.55 -13.11 7.36
N VAL D 172 24.30 -12.82 6.30
CA VAL D 172 24.89 -13.84 5.43
C VAL D 172 26.40 -13.71 5.49
N GLY D 173 27.09 -14.85 5.50
CA GLY D 173 28.53 -14.89 5.46
C GLY D 173 28.99 -16.15 4.75
N SER D 174 30.30 -16.27 4.60
CA SER D 174 30.93 -17.42 3.99
C SER D 174 31.70 -18.21 5.05
N ASN D 175 32.12 -19.42 4.67
CA ASN D 175 33.15 -20.09 5.42
C ASN D 175 34.51 -19.51 5.03
N LEU D 176 35.57 -20.00 5.64
CA LEU D 176 36.89 -19.44 5.36
C LEU D 176 37.45 -19.94 4.03
N GLU D 177 36.78 -20.88 3.36
CA GLU D 177 37.21 -21.36 2.06
C GLU D 177 36.46 -20.71 0.90
N GLY D 178 35.52 -19.80 1.19
CA GLY D 178 34.92 -18.97 0.16
C GLY D 178 33.50 -19.31 -0.23
N GLU D 179 32.92 -20.38 0.30
CA GLU D 179 31.55 -20.76 -0.03
C GLU D 179 30.59 -19.99 0.85
N MET D 180 29.67 -19.26 0.22
CA MET D 180 28.69 -18.47 0.96
C MET D 180 27.62 -19.39 1.53
N TYR D 181 27.42 -19.32 2.85
CA TYR D 181 26.35 -20.08 3.48
C TYR D 181 25.01 -19.68 2.90
N GLY D 182 24.19 -20.68 2.58
CA GLY D 182 22.91 -20.43 1.96
C GLY D 182 22.96 -20.22 0.45
N GLY D 183 24.14 -20.19 -0.14
CA GLY D 183 24.27 -20.01 -1.58
C GLY D 183 24.01 -18.61 -2.08
N TYR D 184 23.97 -17.62 -1.20
CA TYR D 184 23.74 -16.25 -1.63
C TYR D 184 24.97 -15.70 -2.34
N GLU D 185 24.75 -14.63 -3.11
CA GLU D 185 25.81 -13.98 -3.86
C GLU D 185 26.16 -12.65 -3.20
N ASP D 186 27.41 -12.23 -3.41
CA ASP D 186 27.93 -10.99 -2.82
C ASP D 186 27.72 -9.81 -3.77
N GLN D 187 26.45 -9.59 -4.12
CA GLN D 187 26.04 -8.49 -4.96
C GLN D 187 24.98 -7.66 -4.25
N PRO D 188 24.95 -6.34 -4.47
CA PRO D 188 23.91 -5.50 -3.87
C PRO D 188 22.53 -5.66 -4.47
N SER D 189 22.33 -6.61 -5.38
CA SER D 189 20.99 -6.95 -5.82
C SER D 189 20.23 -7.66 -4.71
N MET D 190 18.90 -7.62 -4.79
CA MET D 190 18.08 -8.20 -3.74
C MET D 190 18.06 -9.72 -3.84
N GLN D 191 18.19 -10.37 -2.69
CA GLN D 191 18.06 -11.81 -2.57
C GLN D 191 17.01 -12.12 -1.52
N LEU D 192 16.56 -13.37 -1.47
CA LEU D 192 15.44 -13.76 -0.63
C LEU D 192 15.84 -14.92 0.27
N GLU D 193 15.68 -14.72 1.57
CA GLU D 193 15.75 -15.84 2.51
C GLU D 193 14.47 -16.68 2.40
N GLY D 194 14.58 -17.94 2.83
CA GLY D 194 13.41 -18.79 2.89
C GLY D 194 12.40 -18.27 3.90
N THR D 195 11.23 -18.90 3.90
CA THR D 195 10.18 -18.53 4.84
C THR D 195 10.52 -18.99 6.25
N VAL D 197 12.14 -21.17 8.68
CA VAL D 197 11.60 -22.25 9.49
C VAL D 197 12.22 -22.19 10.88
N MET D 198 11.49 -22.70 11.87
CA MET D 198 11.93 -22.67 13.26
C MET D 198 12.35 -24.06 13.72
N SER D 199 13.33 -24.10 14.61
CA SER D 199 13.89 -25.35 15.09
C SER D 199 13.06 -25.93 16.23
N ASP D 201 13.96 -28.76 17.75
CA ASP D 201 14.95 -29.15 18.76
C ASP D 201 15.32 -27.98 19.65
N ASN D 202 15.30 -26.78 19.09
CA ASN D 202 15.72 -25.60 19.85
C ASN D 202 14.57 -25.02 20.67
N VAL D 203 13.39 -24.90 20.06
CA VAL D 203 12.24 -24.34 20.78
C VAL D 203 11.87 -25.24 21.96
N ALA D 205 13.93 -27.17 23.53
CA ALA D 205 14.98 -26.96 24.53
C ALA D 205 14.80 -25.63 25.24
N PHE D 206 14.24 -24.63 24.55
CA PHE D 206 14.00 -23.34 25.17
C PHE D 206 12.90 -23.43 26.22
N LEU D 207 11.83 -24.17 25.94
CA LEU D 207 10.78 -24.37 26.94
C LEU D 207 11.25 -25.27 28.06
N TYR D 208 12.14 -26.22 27.78
CA TYR D 208 12.70 -27.06 28.83
C TYR D 208 13.47 -26.22 29.84
N ALA D 209 14.18 -25.20 29.38
CA ALA D 209 14.83 -24.25 30.28
C ALA D 209 13.85 -23.22 30.83
N ALA D 210 12.73 -22.99 30.14
CA ALA D 210 11.73 -22.05 30.64
C ALA D 210 11.02 -22.56 31.88
N LEU D 211 10.97 -23.87 32.09
CA LEU D 211 10.28 -24.43 33.24
C LEU D 211 11.22 -24.81 34.38
N ILE D 212 12.52 -24.98 34.11
CA ILE D 212 13.47 -25.13 35.20
C ILE D 212 13.67 -23.80 35.93
N ASN D 213 13.44 -22.68 35.26
CA ASN D 213 13.53 -21.37 35.89
C ASN D 213 12.27 -20.96 36.63
N GLY D 214 11.20 -21.76 36.55
CA GLY D 214 9.99 -21.49 37.29
C GLY D 214 8.78 -21.09 36.46
N GLU D 215 8.92 -20.95 35.15
CA GLU D 215 7.81 -20.57 34.28
C GLU D 215 7.16 -21.84 33.75
N ARG D 216 5.92 -22.11 34.17
CA ARG D 216 5.23 -23.34 33.82
C ARG D 216 3.85 -23.11 33.24
N TRP D 217 3.52 -21.89 32.81
CA TRP D 217 2.22 -21.64 32.20
C TRP D 217 2.21 -22.14 30.76
N VAL D 219 2.69 -24.88 29.41
CA VAL D 219 2.40 -26.31 29.44
C VAL D 219 1.10 -26.56 30.20
N THR D 220 0.30 -27.49 29.68
CA THR D 220 -1.00 -27.80 30.29
C THR D 220 -1.15 -29.31 30.50
N TYR D 229 3.65 -34.72 16.03
CA TYR D 229 3.61 -33.28 15.79
C TYR D 229 4.42 -32.90 14.56
N ASN D 230 5.19 -33.87 14.05
CA ASN D 230 5.88 -33.68 12.79
C ASN D 230 4.88 -33.48 11.65
N THR D 231 3.68 -34.04 11.78
CA THR D 231 2.64 -33.78 10.79
C THR D 231 2.26 -32.31 10.77
N TRP D 232 2.03 -31.73 11.95
CA TRP D 232 1.76 -30.29 12.03
C TRP D 232 2.96 -29.46 11.63
N ALA D 233 4.17 -29.98 11.84
CA ALA D 233 5.38 -29.21 11.62
C ALA D 233 5.83 -29.19 10.16
N LYS D 234 5.40 -30.17 9.35
CA LYS D 234 5.85 -30.21 7.96
C LYS D 234 5.15 -29.17 7.09
N THR D 235 3.92 -28.80 7.42
CA THR D 235 3.14 -27.88 6.60
C THR D 235 3.05 -26.48 7.18
N ASN D 236 3.79 -26.19 8.25
CA ASN D 236 3.71 -24.88 8.88
C ASN D 236 5.07 -24.45 9.43
N SER D 237 6.12 -24.61 8.63
CA SER D 237 7.41 -23.95 8.84
C SER D 237 8.01 -24.25 10.21
N PHE D 238 8.15 -25.53 10.52
CA PHE D 238 8.88 -25.97 11.70
C PHE D 238 9.70 -27.20 11.31
N THR D 239 10.91 -27.30 11.87
CA THR D 239 11.78 -28.41 11.51
C THR D 239 11.23 -29.74 12.05
N GLU D 240 11.69 -30.83 11.44
CA GLU D 240 11.21 -32.15 11.80
C GLU D 240 11.93 -32.65 13.05
N LEU D 241 11.20 -33.39 13.89
CA LEU D 241 11.76 -34.02 15.08
C LEU D 241 11.66 -35.53 14.95
N THR D 244 13.13 -37.74 20.82
CA THR D 244 12.83 -37.66 22.25
C THR D 244 13.96 -38.33 23.04
N ASP D 245 15.05 -38.65 22.36
CA ASP D 245 16.21 -39.22 23.02
C ASP D 245 17.17 -38.12 23.49
N PHE D 247 17.29 -35.02 25.43
CA PHE D 247 16.16 -34.42 26.12
C PHE D 247 15.74 -35.26 27.32
N SER D 248 16.23 -36.50 27.37
CA SER D 248 15.86 -37.45 28.42
C SER D 248 16.02 -36.85 29.81
N MET D 249 17.25 -36.52 30.19
CA MET D 249 17.48 -35.92 31.50
C MET D 249 16.79 -34.57 31.62
N ALA D 252 13.76 -35.41 32.36
CA ALA D 252 13.44 -36.26 33.50
C ALA D 252 13.61 -35.51 34.81
N LYS D 253 14.23 -34.33 34.74
CA LYS D 253 14.44 -33.51 35.93
C LYS D 253 13.29 -32.56 36.19
N THR D 254 12.54 -32.17 35.15
CA THR D 254 11.39 -31.31 35.30
C THR D 254 10.07 -32.06 35.28
N GLY D 255 10.07 -33.33 34.87
CA GLY D 255 8.88 -34.14 34.86
C GLY D 255 7.84 -33.69 33.85
N GLN D 256 8.22 -33.63 32.58
CA GLN D 256 7.31 -33.21 31.51
C GLN D 256 7.80 -33.81 30.21
N SER D 257 6.94 -34.58 29.53
CA SER D 257 7.31 -35.18 28.27
C SER D 257 7.46 -34.11 27.19
N VAL D 258 8.11 -34.48 26.09
CA VAL D 258 8.35 -33.49 25.04
C VAL D 258 7.10 -33.28 24.19
N GLU D 259 6.23 -34.27 24.06
CA GLU D 259 4.93 -34.03 23.43
C GLU D 259 3.95 -33.32 24.35
N LYS D 260 4.28 -33.24 25.64
CA LYS D 260 3.61 -32.29 26.53
C LYS D 260 4.18 -30.88 26.37
N LEU D 261 5.28 -30.74 25.62
CA LEU D 261 5.78 -29.44 25.18
C LEU D 261 5.58 -29.18 23.71
N LEU D 262 5.55 -30.23 22.88
CA LEU D 262 5.15 -30.07 21.48
C LEU D 262 3.73 -29.54 21.35
N ASP D 263 2.90 -29.73 22.38
CA ASP D 263 1.56 -29.15 22.37
C ASP D 263 1.62 -27.64 22.56
N SER D 264 2.55 -27.15 23.38
CA SER D 264 2.74 -25.71 23.53
C SER D 264 3.29 -25.09 22.24
N ILE D 265 4.04 -25.85 21.46
CA ILE D 265 4.54 -25.35 20.19
C ILE D 265 3.39 -25.10 19.22
N VAL D 266 2.36 -25.93 19.28
CA VAL D 266 1.18 -25.74 18.44
C VAL D 266 0.09 -25.02 19.24
N ASN D 269 2.55 -20.96 19.82
CA ASN D 269 2.60 -20.36 18.49
C ASN D 269 1.67 -19.16 18.40
N GLY D 274 -0.15 -12.52 26.25
CA GLY D 274 0.62 -11.39 26.73
C GLY D 274 1.53 -11.72 27.88
N ARG D 275 1.93 -12.99 27.98
CA ARG D 275 2.82 -13.46 29.03
C ARG D 275 4.23 -13.62 28.50
N ILE D 277 8.17 -15.69 28.45
CA ILE D 277 8.83 -16.99 28.45
C ILE D 277 10.33 -16.74 28.60
N LEU D 278 10.76 -16.48 29.83
CA LEU D 278 12.13 -16.04 30.11
C LEU D 278 12.46 -14.77 29.33
N TYR D 280 10.62 -12.46 26.76
CA TYR D 280 10.41 -13.20 25.50
C TYR D 280 8.91 -13.35 25.24
N GLY D 281 8.45 -12.88 24.08
CA GLY D 281 7.02 -12.97 23.78
C GLY D 281 6.75 -13.90 22.62
N SER D 282 7.78 -14.62 22.19
CA SER D 282 7.66 -15.62 21.09
C SER D 282 8.54 -16.82 21.41
N LEU D 283 8.38 -17.90 20.64
CA LEU D 283 9.16 -19.12 20.77
C LEU D 283 10.60 -18.86 20.33
N CYS D 284 11.55 -19.35 21.12
CA CYS D 284 12.97 -19.09 20.93
C CYS D 284 13.64 -20.34 20.38
N ASP D 285 14.24 -20.22 19.20
CA ASP D 285 14.88 -21.35 18.52
C ASP D 285 16.38 -21.14 18.36
N GLU D 286 17.01 -20.41 19.28
CA GLU D 286 18.41 -20.03 19.14
C GLU D 286 19.36 -20.89 19.96
N PHE D 287 18.87 -21.69 20.89
CA PHE D 287 19.72 -22.48 21.76
C PHE D 287 19.59 -23.96 21.42
N THR D 288 20.70 -24.59 21.07
CA THR D 288 20.70 -26.03 20.86
C THR D 288 20.40 -26.74 22.19
N PRO D 289 19.85 -27.96 22.13
CA PRO D 289 19.64 -28.71 23.38
C PRO D 289 20.92 -28.96 24.15
N THR D 290 22.06 -29.12 23.45
CA THR D 290 23.30 -29.45 24.14
C THR D 290 23.84 -28.27 24.94
N GLU D 291 23.69 -27.12 24.36
CA GLU D 291 24.14 -25.86 24.96
C GLU D 291 23.33 -25.70 26.23
N VAL D 292 22.02 -25.50 26.09
CA VAL D 292 21.11 -25.24 27.24
C VAL D 292 21.34 -26.26 28.34
N ILE D 293 21.70 -27.49 28.00
CA ILE D 293 21.93 -28.45 29.11
C ILE D 293 23.31 -28.17 29.71
N ARG D 294 24.28 -27.93 28.84
CA ARG D 294 25.68 -27.72 29.25
C ARG D 294 25.84 -26.38 29.96
N GLN D 295 24.70 -25.72 30.12
CA GLN D 295 24.58 -24.45 30.81
C GLN D 295 23.73 -24.54 32.07
N MET D 296 22.73 -25.41 32.07
CA MET D 296 21.92 -25.67 33.27
C MET D 296 22.52 -26.76 34.15
N TYR D 297 22.97 -27.87 33.54
CA TYR D 297 23.59 -28.96 34.27
C TYR D 297 25.11 -28.98 34.15
N GLY D 298 25.68 -28.16 33.26
CA GLY D 298 27.10 -27.96 33.12
C GLY D 298 27.87 -29.21 32.77
N VAL D 299 29.12 -29.26 33.24
CA VAL D 299 30.04 -30.34 32.94
C VAL D 299 30.19 -30.51 31.43
S1 A1D7M E . -2.51 32.46 12.61
O4 A1D7M E . -1.29 32.27 13.31
O5 A1D7M E . -2.51 33.25 11.41
C20 A1D7M E . -3.14 30.86 12.20
N5 A1D7M E . -3.55 33.16 13.64
C15 A1D7M E . -3.10 33.59 14.98
C16 A1D7M E . -3.39 35.11 15.23
C17 A1D7M E . -2.63 35.95 14.20
C18 A1D7M E . -2.91 35.51 16.64
C19 A1D7M E . -4.87 35.44 15.11
C14 A1D7M E . -3.58 32.64 16.07
O3 A1D7M E . -4.79 32.41 16.21
N4 A1D7M E . -2.65 32.05 16.82
C9 A1D7M E . -3.02 31.28 18.00
C8 A1D7M E . -3.71 32.16 19.05
O2 A1D7M E . -3.09 33.06 19.61
C10 A1D7M E . -1.84 30.51 18.58
C11 A1D7M E . -1.06 29.67 17.57
C13 A1D7M E . -1.98 28.75 16.79
C12 A1D7M E . 0.05 28.86 18.26
C7 A1D7M E . -5.75 31.87 21.64
C1 A1D7M E . -7.58 36.13 17.75
C4 A1D7M E . -8.47 33.98 17.87
C2 A1D7M E . -6.91 35.42 18.93
C3 A1D7M E . -7.16 33.95 18.64
C6 A1D7M E . -5.73 32.63 20.32
C5 A1D7M E . -7.14 32.97 19.82
N2 A1D7M E . -4.99 31.88 19.33
N1 A1D7M E . -8.65 35.21 17.41
N3 A1D7M E . -6.24 32.32 22.76
O1 A1D7M E . -9.22 33.01 17.68
S1 A1D7M F . -22.83 -21.13 -20.85
O4 A1D7M F . -24.26 -21.20 -20.93
O5 A1D7M F . -22.12 -22.21 -20.21
C20 A1D7M F . -22.19 -20.97 -22.47
N5 A1D7M F . -22.45 -19.78 -20.01
C15 A1D7M F . -23.36 -18.64 -19.90
C16 A1D7M F . -23.57 -18.28 -18.39
C17 A1D7M F . -24.25 -19.45 -17.69
C18 A1D7M F . -24.45 -17.03 -18.24
C19 A1D7M F . -22.22 -18.02 -17.69
C14 A1D7M F . -22.98 -17.45 -20.79
O3 A1D7M F . -21.85 -16.95 -20.71
N4 A1D7M F . -23.90 -17.00 -21.64
C9 A1D7M F . -23.71 -15.74 -22.35
C8 A1D7M F . -23.71 -14.52 -21.41
O2 A1D7M F . -24.72 -14.24 -20.77
C10 A1D7M F . -24.73 -15.58 -23.48
C11 A1D7M F . -24.82 -16.77 -24.44
C13 A1D7M F . -23.44 -17.17 -24.93
C12 A1D7M F . -25.74 -16.47 -25.63
C7 A1D7M F . -22.55 -11.37 -21.31
C1 A1D7M F . -21.07 -14.64 -16.47
C4 A1D7M F . -19.64 -14.18 -18.25
C2 A1D7M F . -21.82 -13.72 -17.41
C3 A1D7M F . -21.05 -13.85 -18.72
C6 A1D7M F . -22.44 -12.65 -20.49
C5 A1D7M F . -21.14 -12.68 -19.70
N2 A1D7M F . -22.58 -13.81 -21.34
N1 A1D7M F . -19.70 -14.56 -16.98
N3 A1D7M F . -22.60 -10.17 -20.80
O1 A1D7M F . -18.61 -14.15 -18.95
S1 A1D7M G . 17.28 2.44 -0.60
O4 A1D7M G . 18.61 2.95 -0.68
O5 A1D7M G . 16.99 1.42 0.37
C20 A1D7M G . 16.19 3.79 -0.29
N5 A1D7M G . 16.91 1.84 -2.06
C15 A1D7M G . 17.27 2.54 -3.30
C16 A1D7M G . 17.67 1.52 -4.40
C17 A1D7M G . 18.85 0.68 -3.92
C18 A1D7M G . 16.51 0.57 -4.73
C19 A1D7M G . 18.08 2.25 -5.70
C14 A1D7M G . 16.26 3.60 -3.75
O3 A1D7M G . 15.09 3.27 -3.96
N4 A1D7M G . 16.70 4.84 -3.91
C9 A1D7M G . 15.90 5.85 -4.58
C8 A1D7M G . 15.67 5.49 -6.05
O2 A1D7M G . 16.63 5.43 -6.83
C10 A1D7M G . 16.50 7.25 -4.43
C11 A1D7M G . 16.93 7.65 -3.02
C13 A1D7M G . 15.86 7.30 -1.99
C12 A1D7M G . 17.26 9.14 -2.94
C7 A1D7M G . 13.57 6.07 -8.57
C1 A1D7M G . 14.58 0.20 -7.77
C4 A1D7M G . 12.70 1.33 -6.98
C2 A1D7M G . 14.70 1.65 -8.21
C3 A1D7M G . 13.73 2.39 -7.32
C6 A1D7M G . 14.10 4.87 -7.81
C5 A1D7M G . 13.14 3.69 -7.86
N2 A1D7M G . 14.42 5.25 -6.45
N1 A1D7M G . 13.19 0.14 -7.32
N3 A1D7M G . 13.39 6.11 -9.85
O1 A1D7M G . 11.60 1.53 -6.45
S1 A1D7M H . 22.37 -6.29 -0.11
O4 A1D7M H . 21.96 -5.25 -1.00
O5 A1D7M H . 21.49 -7.42 0.08
C20 A1D7M H . 23.91 -6.92 -0.67
N5 A1D7M H . 22.59 -5.62 1.36
C15 A1D7M H . 23.61 -4.59 1.63
C16 A1D7M H . 23.03 -3.41 2.47
C17 A1D7M H . 22.48 -3.87 3.82
C18 A1D7M H . 24.11 -2.35 2.73
C19 A1D7M H . 21.90 -2.74 1.69
C14 A1D7M H . 24.93 -5.24 2.08
O3 A1D7M H . 24.92 -6.29 2.70
N4 A1D7M H . 26.06 -4.61 1.72
C9 A1D7M H . 27.37 -5.23 1.81
C8 A1D7M H . 28.21 -4.66 2.95
O2 A1D7M H . 29.16 -3.93 2.72
C10 A1D7M H . 28.12 -5.07 0.49
C11 A1D7M H . 27.56 -5.90 -0.67
C13 A1D7M H . 28.35 -5.67 -1.95
C12 A1D7M H . 27.55 -7.37 -0.30
C7 A1D7M H . 29.99 -4.95 5.36
C1 A1D7M H . 24.55 -3.45 7.57
C4 A1D7M H . 25.47 -5.57 7.50
C2 A1D7M H . 25.93 -3.30 6.96
C3 A1D7M H . 26.31 -4.72 6.57
C6 A1D7M H . 28.53 -4.53 5.37
C5 A1D7M H . 27.81 -5.05 6.62
N2 A1D7M H . 27.84 -5.02 4.19
N1 A1D7M H . 24.61 -4.79 8.13
N3 A1D7M H . 30.95 -4.34 6.02
O1 A1D7M H . 25.56 -6.81 7.63
#